data_5O6H
#
_entry.id   5O6H
#
_cell.length_a   79.138
_cell.length_b   178.852
_cell.length_c   58.465
_cell.angle_alpha   90.00
_cell.angle_beta   90.00
_cell.angle_gamma   90.00
#
_symmetry.space_group_name_H-M   'P 21 21 2'
#
loop_
_entity.id
_entity.type
_entity.pdbx_description
1 polymer 'Glycylpeptide N-tetradecanoyltransferase 1'
2 non-polymer TETRADECANOYL-COA
3 non-polymer 'PHOSPHATE ION'
4 non-polymer 1-[5-[4-fluoranyl-2-[2-(1,3,5-trimethylpyrazol-4-yl)ethoxy]phenyl]-2~{H}-indazol-3-yl]-~{N},~{N}-dimethyl-methanamine
5 non-polymer 'MAGNESIUM ION'
6 non-polymer GLYCEROL
7 non-polymer 'DIMETHYL SULFOXIDE'
8 water water
#
_entity_poly.entity_id   1
_entity_poly.type   'polypeptide(L)'
_entity_poly.pdbx_seq_one_letter_code
;GPHMEEASKRSYQFWDTQPVPKLGEVVNTHGPVEPDKDNIRQEPYTLPQGFTWDALDLGDRGVLKELYTLLNENYVEDDD
NMFRFDYSPEFLLWALRPPGWLPQWHCGVRVVSSRKLVGFISAIPANIHIYDTEKKMVEINFLCVHKKLRSKRVAPVLIR
EITRRVHLEGIFQAVYTAGVVLPKPVGTCRYWHRSLNPRKLIEVKFSHLSRNMTMQRTMKLYRLPETPKTAGLRPMETKD
IPVVHQLLTRYLKQFHLTPVMSQEEVEHWFYPQENIIDTFVVENANGEVTDFLSFYTLPSTIMNHPTHKSLKAAYSFYNV
HTQTPLLDLMSDALVLAKMKGFDVFNALDLMENKTFLEKLKFGIGDGNLQYYLYNWKCPSMGAEKVGLVLQ
;
_entity_poly.pdbx_strand_id   A,B
#
# COMPACT_ATOMS: atom_id res chain seq x y z
N ARG A 10 13.77 -32.20 14.28
CA ARG A 10 15.00 -31.81 14.99
C ARG A 10 14.70 -30.58 15.89
N SER A 11 15.64 -29.64 16.03
CA SER A 11 15.39 -28.29 16.65
C SER A 11 15.77 -27.29 15.52
N TYR A 12 15.33 -26.04 15.60
CA TYR A 12 15.64 -25.02 14.59
C TYR A 12 16.10 -23.79 15.34
N GLN A 13 17.42 -23.65 15.41
CA GLN A 13 18.00 -22.59 16.23
C GLN A 13 17.44 -21.18 16.04
N PHE A 14 17.19 -20.86 14.74
CA PHE A 14 16.51 -19.59 14.43
C PHE A 14 14.97 -19.73 14.43
N TRP A 15 14.45 -20.70 13.70
CA TRP A 15 12.97 -20.69 13.50
C TRP A 15 12.17 -20.98 14.76
N ASP A 16 12.86 -21.61 15.76
CA ASP A 16 12.14 -21.85 17.06
C ASP A 16 11.88 -20.55 17.84
N THR A 17 12.62 -19.47 17.48
CA THR A 17 12.45 -18.18 18.09
C THR A 17 11.36 -17.34 17.43
N GLN A 18 10.83 -17.81 16.29
CA GLN A 18 9.95 -16.95 15.45
C GLN A 18 8.46 -17.21 15.70
N PRO A 19 7.59 -16.26 15.38
CA PRO A 19 6.15 -16.41 15.57
C PRO A 19 5.56 -17.27 14.42
N VAL A 20 5.89 -18.55 14.45
CA VAL A 20 5.38 -19.52 13.50
C VAL A 20 5.01 -20.74 14.39
N PRO A 21 4.07 -21.59 13.94
CA PRO A 21 3.72 -22.83 14.71
C PRO A 21 4.88 -23.79 14.66
N LYS A 22 5.00 -24.65 15.69
CA LYS A 22 5.98 -25.69 15.66
CA LYS A 22 5.98 -25.71 15.66
C LYS A 22 5.63 -26.82 14.65
N LEU A 23 6.62 -27.45 14.08
CA LEU A 23 6.37 -28.67 13.29
C LEU A 23 5.67 -29.71 14.16
N GLY A 24 4.61 -30.30 13.68
CA GLY A 24 3.91 -31.26 14.52
C GLY A 24 2.86 -30.66 15.43
N GLU A 25 2.80 -29.32 15.50
CA GLU A 25 1.79 -28.60 16.30
C GLU A 25 0.41 -28.81 15.65
N VAL A 26 -0.57 -29.23 16.43
CA VAL A 26 -1.97 -29.35 15.94
CA VAL A 26 -1.93 -29.33 15.89
C VAL A 26 -2.60 -27.95 15.94
N VAL A 27 -2.98 -27.44 14.77
CA VAL A 27 -3.64 -26.14 14.73
C VAL A 27 -5.15 -26.21 14.40
N ASN A 28 -5.97 -25.76 15.34
CA ASN A 28 -7.43 -25.74 15.22
C ASN A 28 -8.02 -24.35 15.12
N THR A 29 -7.17 -23.31 15.26
CA THR A 29 -7.63 -21.91 15.39
C THR A 29 -7.06 -21.12 14.19
N HIS A 30 -7.52 -19.89 14.00
CA HIS A 30 -7.01 -18.99 12.90
C HIS A 30 -6.69 -17.66 13.55
N GLY A 31 -5.46 -17.11 13.33
CA GLY A 31 -5.19 -15.80 13.77
C GLY A 31 -3.67 -15.57 13.99
N PRO A 32 -3.30 -14.37 14.41
CA PRO A 32 -1.87 -14.12 14.54
C PRO A 32 -1.21 -14.90 15.64
N VAL A 33 0.04 -15.24 15.50
CA VAL A 33 0.79 -15.89 16.56
C VAL A 33 1.10 -14.92 17.68
N GLU A 34 1.41 -13.68 17.33
CA GLU A 34 1.65 -12.59 18.34
C GLU A 34 1.01 -11.29 17.79
N PRO A 35 0.82 -10.24 18.68
CA PRO A 35 0.17 -8.99 18.21
C PRO A 35 0.96 -8.08 17.31
N ASP A 36 0.28 -7.15 16.66
CA ASP A 36 0.94 -6.10 15.95
CA ASP A 36 1.05 -6.17 15.99
C ASP A 36 1.86 -5.36 16.97
N LYS A 37 3.00 -4.86 16.48
CA LYS A 37 3.94 -4.24 17.44
C LYS A 37 3.69 -2.80 17.44
N ASP A 38 3.69 -2.14 18.63
CA ASP A 38 3.55 -0.67 18.37
CA ASP A 38 3.56 -0.71 18.73
C ASP A 38 4.86 0.10 18.71
N ASN A 39 5.97 -0.65 18.90
CA ASN A 39 7.26 0.00 18.81
CA ASN A 39 7.35 -0.09 18.97
C ASN A 39 8.16 -1.05 18.09
N ILE A 40 8.85 -0.49 17.07
CA ILE A 40 9.68 -1.39 16.26
CA ILE A 40 9.69 -1.31 16.13
C ILE A 40 11.13 -0.85 16.31
N ARG A 41 12.04 -1.85 16.39
CA ARG A 41 13.52 -1.63 16.35
CA ARG A 41 13.47 -1.60 16.42
C ARG A 41 13.92 -0.66 15.26
N GLN A 42 14.57 0.46 15.55
CA GLN A 42 15.01 1.43 14.55
C GLN A 42 16.28 1.16 13.86
N GLU A 43 17.07 0.35 14.53
CA GLU A 43 18.46 0.09 13.94
C GLU A 43 18.49 -1.24 13.19
N PRO A 44 19.22 -1.21 12.08
CA PRO A 44 19.42 -2.44 11.36
C PRO A 44 20.12 -3.50 12.19
N TYR A 45 19.84 -4.77 11.93
CA TYR A 45 20.60 -5.89 12.54
C TYR A 45 22.05 -5.84 12.00
N THR A 46 22.89 -6.47 12.82
CA THR A 46 24.36 -6.45 12.50
C THR A 46 24.79 -7.63 11.69
N LEU A 47 25.47 -7.37 10.59
CA LEU A 47 26.09 -8.44 9.78
C LEU A 47 27.50 -8.83 10.36
N PRO A 48 28.02 -10.00 9.88
CA PRO A 48 29.45 -10.26 10.31
C PRO A 48 30.39 -9.18 9.83
N GLN A 49 31.56 -9.08 10.50
CA GLN A 49 32.48 -8.05 10.21
C GLN A 49 32.95 -8.11 8.70
N GLY A 50 33.01 -6.98 8.09
CA GLY A 50 33.44 -6.87 6.68
C GLY A 50 32.30 -6.84 5.70
N PHE A 51 31.04 -6.95 6.21
CA PHE A 51 29.86 -6.93 5.25
C PHE A 51 28.98 -5.78 5.67
N THR A 52 28.23 -5.23 4.72
CA THR A 52 27.38 -4.08 5.03
C THR A 52 26.02 -4.25 4.24
N TRP A 53 24.96 -3.64 4.70
CA TRP A 53 23.70 -3.54 4.00
C TRP A 53 23.84 -2.59 2.88
N ASP A 54 23.09 -2.80 1.77
CA ASP A 54 22.89 -1.79 0.72
C ASP A 54 21.57 -2.03 0.06
N ALA A 55 20.70 -1.04 0.04
CA ALA A 55 19.44 -1.18 -0.70
C ALA A 55 19.68 -0.99 -2.18
N LEU A 56 19.25 -1.95 -2.97
CA LEU A 56 19.63 -2.02 -4.38
C LEU A 56 18.64 -1.30 -5.25
N ASP A 57 19.06 -0.25 -5.98
CA ASP A 57 18.21 0.46 -6.95
C ASP A 57 18.21 -0.34 -8.27
N LEU A 58 17.16 -1.12 -8.45
CA LEU A 58 17.10 -1.97 -9.63
C LEU A 58 16.76 -1.24 -10.87
N GLY A 59 16.40 0.05 -10.77
CA GLY A 59 16.29 0.93 -11.93
C GLY A 59 17.67 1.33 -12.45
N ASP A 60 18.74 1.09 -11.73
CA ASP A 60 20.11 1.34 -12.25
C ASP A 60 20.57 0.07 -12.96
N ARG A 61 20.97 0.19 -14.22
CA ARG A 61 21.26 -1.03 -14.98
CA ARG A 61 21.29 -0.98 -15.03
C ARG A 61 22.45 -1.78 -14.41
N GLY A 62 23.46 -1.07 -13.91
CA GLY A 62 24.63 -1.74 -13.36
C GLY A 62 24.28 -2.53 -12.09
N VAL A 63 23.42 -1.95 -11.24
CA VAL A 63 23.08 -2.66 -9.98
C VAL A 63 22.17 -3.85 -10.31
N LEU A 64 21.23 -3.67 -11.24
CA LEU A 64 20.39 -4.82 -11.62
C LEU A 64 21.25 -5.98 -12.20
N LYS A 65 22.27 -5.62 -12.98
CA LYS A 65 23.13 -6.66 -13.45
C LYS A 65 23.95 -7.34 -12.38
N GLU A 66 24.34 -6.60 -11.31
CA GLU A 66 24.99 -7.27 -10.14
C GLU A 66 24.07 -8.29 -9.52
N LEU A 67 22.74 -7.91 -9.37
CA LEU A 67 21.81 -8.88 -8.77
C LEU A 67 21.64 -10.07 -9.69
N TYR A 68 21.44 -9.79 -10.96
CA TYR A 68 21.33 -10.91 -11.94
C TYR A 68 22.56 -11.90 -11.80
N THR A 69 23.79 -11.34 -11.65
CA THR A 69 24.98 -12.22 -11.51
C THR A 69 25.02 -12.99 -10.24
N LEU A 70 24.64 -12.32 -9.09
CA LEU A 70 24.59 -13.02 -7.83
C LEU A 70 23.66 -14.25 -7.93
N LEU A 71 22.42 -13.99 -8.50
CA LEU A 71 21.46 -15.12 -8.54
C LEU A 71 21.88 -16.17 -9.60
N ASN A 72 22.39 -15.68 -10.74
CA ASN A 72 22.80 -16.65 -11.75
C ASN A 72 23.87 -17.61 -11.20
N GLU A 73 24.75 -17.15 -10.29
CA GLU A 73 25.85 -17.93 -9.81
C GLU A 73 25.51 -18.63 -8.54
N ASN A 74 24.51 -18.19 -7.76
CA ASN A 74 24.35 -18.65 -6.39
C ASN A 74 22.93 -18.93 -5.93
N TYR A 75 21.97 -18.92 -6.89
CA TYR A 75 20.55 -19.11 -6.50
C TYR A 75 20.15 -20.55 -6.54
N VAL A 76 18.87 -20.89 -6.57
CA VAL A 76 18.35 -22.26 -6.34
C VAL A 76 18.78 -23.22 -7.45
N GLU A 77 19.27 -24.38 -6.95
CA GLU A 77 19.57 -25.56 -7.82
C GLU A 77 18.56 -26.62 -7.54
N ASP A 78 18.38 -27.55 -8.50
CA ASP A 78 17.54 -28.73 -8.24
C ASP A 78 18.23 -29.67 -7.25
N ASP A 79 17.48 -30.70 -6.84
CA ASP A 79 17.98 -31.58 -5.79
C ASP A 79 19.18 -32.44 -6.21
N ASP A 80 19.46 -32.57 -7.49
CA ASP A 80 20.74 -33.19 -7.97
C ASP A 80 21.89 -32.29 -8.34
N ASN A 81 21.77 -30.99 -8.04
CA ASN A 81 22.83 -30.07 -8.34
C ASN A 81 23.30 -30.12 -9.79
N MET A 82 22.30 -30.10 -10.70
CA MET A 82 22.59 -30.13 -12.14
C MET A 82 22.09 -28.86 -12.89
N PHE A 83 21.08 -28.19 -12.29
CA PHE A 83 20.43 -26.99 -12.99
C PHE A 83 20.28 -25.93 -11.91
N ARG A 84 20.47 -24.69 -12.36
CA ARG A 84 20.39 -23.52 -11.44
C ARG A 84 19.50 -22.45 -12.14
N PHE A 85 18.53 -21.88 -11.40
CA PHE A 85 17.69 -20.88 -12.10
C PHE A 85 18.54 -19.75 -12.62
N ASP A 86 18.10 -19.20 -13.77
CA ASP A 86 18.74 -18.14 -14.42
C ASP A 86 17.74 -17.00 -14.80
N TYR A 87 17.19 -16.37 -13.73
CA TYR A 87 16.20 -15.28 -13.94
C TYR A 87 16.87 -14.15 -14.72
N SER A 88 16.17 -13.65 -15.77
CA SER A 88 16.78 -12.57 -16.55
C SER A 88 16.68 -11.22 -15.79
N PRO A 89 17.47 -10.23 -16.15
CA PRO A 89 17.30 -8.94 -15.56
C PRO A 89 15.88 -8.37 -15.72
N GLU A 90 15.29 -8.45 -16.89
N GLU A 90 15.28 -8.48 -16.87
CA GLU A 90 13.94 -7.90 -17.09
CA GLU A 90 13.97 -7.90 -17.07
C GLU A 90 12.91 -8.72 -16.35
C GLU A 90 12.92 -8.72 -16.33
N PHE A 91 13.11 -10.05 -16.18
CA PHE A 91 12.23 -10.81 -15.35
C PHE A 91 12.32 -10.33 -13.92
N LEU A 92 13.54 -10.11 -13.41
CA LEU A 92 13.70 -9.62 -12.01
C LEU A 92 12.94 -8.29 -11.81
N LEU A 93 12.98 -7.41 -12.80
CA LEU A 93 12.21 -6.16 -12.64
C LEU A 93 10.74 -6.46 -12.61
N TRP A 94 10.21 -7.39 -13.40
CA TRP A 94 8.78 -7.77 -13.28
C TRP A 94 8.46 -8.34 -11.91
N ALA A 95 9.30 -9.19 -11.34
CA ALA A 95 8.96 -9.86 -10.09
C ALA A 95 9.18 -8.90 -8.88
N LEU A 96 10.09 -7.94 -8.99
CA LEU A 96 10.55 -7.13 -7.84
C LEU A 96 9.97 -5.73 -7.83
N ARG A 97 9.48 -5.22 -8.98
CA ARG A 97 8.82 -3.92 -8.99
C ARG A 97 7.36 -3.97 -9.43
N PRO A 98 6.52 -4.81 -8.80
CA PRO A 98 5.08 -4.76 -9.03
C PRO A 98 4.51 -3.55 -8.30
N PRO A 99 3.21 -3.27 -8.48
CA PRO A 99 2.59 -2.12 -7.77
C PRO A 99 2.82 -2.20 -6.28
N GLY A 100 3.27 -1.03 -5.76
CA GLY A 100 3.51 -0.89 -4.28
C GLY A 100 4.92 -1.33 -3.87
N TRP A 101 5.82 -1.71 -4.80
CA TRP A 101 7.19 -2.02 -4.35
C TRP A 101 7.82 -0.84 -3.65
N LEU A 102 8.69 -1.17 -2.71
CA LEU A 102 9.45 -0.16 -1.87
C LEU A 102 10.90 -0.36 -1.98
N PRO A 103 11.71 0.72 -2.08
CA PRO A 103 13.15 0.52 -2.23
C PRO A 103 13.85 -0.14 -1.06
N GLN A 104 13.39 0.08 0.14
CA GLN A 104 14.08 -0.52 1.29
CA GLN A 104 14.09 -0.53 1.31
C GLN A 104 13.84 -2.03 1.37
N TRP A 105 12.88 -2.52 0.55
CA TRP A 105 12.55 -3.94 0.58
C TRP A 105 13.35 -4.71 -0.52
N HIS A 106 14.32 -4.07 -1.18
CA HIS A 106 15.28 -4.74 -2.10
C HIS A 106 16.62 -4.73 -1.33
N CYS A 107 16.79 -5.70 -0.46
CA CYS A 107 17.78 -5.63 0.63
C CYS A 107 19.05 -6.45 0.24
N GLY A 108 20.09 -5.72 -0.14
CA GLY A 108 21.37 -6.37 -0.49
C GLY A 108 22.35 -6.40 0.64
N VAL A 109 23.37 -7.27 0.51
CA VAL A 109 24.53 -7.33 1.39
C VAL A 109 25.81 -7.27 0.49
N ARG A 110 26.71 -6.33 0.80
CA ARG A 110 27.99 -6.18 0.03
C ARG A 110 29.19 -6.40 0.97
N VAL A 111 30.25 -6.89 0.34
CA VAL A 111 31.61 -6.87 1.02
C VAL A 111 32.04 -5.37 1.07
N VAL A 112 32.44 -4.93 2.29
CA VAL A 112 32.73 -3.49 2.48
C VAL A 112 33.93 -3.03 1.55
N SER A 113 34.94 -3.87 1.48
CA SER A 113 36.21 -3.45 0.78
C SER A 113 36.00 -3.54 -0.72
N SER A 114 35.53 -4.67 -1.26
CA SER A 114 35.48 -4.81 -2.71
C SER A 114 34.16 -4.33 -3.28
N ARG A 115 33.12 -4.16 -2.41
CA ARG A 115 31.74 -3.83 -2.82
C ARG A 115 31.01 -5.03 -3.44
N LYS A 116 31.61 -6.21 -3.50
CA LYS A 116 30.96 -7.36 -4.20
C LYS A 116 29.60 -7.63 -3.50
N LEU A 117 28.61 -7.81 -4.37
CA LEU A 117 27.27 -8.24 -3.87
C LEU A 117 27.30 -9.70 -3.46
N VAL A 118 26.96 -10.02 -2.23
CA VAL A 118 27.08 -11.38 -1.73
C VAL A 118 25.83 -11.91 -1.04
N GLY A 119 24.77 -11.05 -0.97
CA GLY A 119 23.51 -11.55 -0.33
C GLY A 119 22.34 -10.65 -0.80
N PHE A 120 21.15 -11.25 -0.72
CA PHE A 120 19.93 -10.45 -1.07
C PHE A 120 18.76 -11.16 -0.43
N ILE A 121 17.74 -10.30 -0.16
CA ILE A 121 16.40 -10.80 0.17
C ILE A 121 15.41 -9.67 -0.21
N SER A 122 14.18 -10.05 -0.56
CA SER A 122 13.17 -9.08 -0.99
C SER A 122 11.82 -9.33 -0.35
N ALA A 123 11.08 -8.22 -0.29
CA ALA A 123 9.66 -8.23 0.02
C ALA A 123 8.90 -7.42 -1.01
N ILE A 124 7.69 -7.91 -1.43
CA ILE A 124 6.78 -7.10 -2.24
C ILE A 124 5.42 -7.19 -1.52
N PRO A 125 4.61 -6.11 -1.56
CA PRO A 125 3.30 -6.16 -0.89
C PRO A 125 2.33 -7.04 -1.60
N ALA A 126 1.39 -7.65 -0.87
CA ALA A 126 0.29 -8.42 -1.52
C ALA A 126 -0.85 -8.53 -0.56
N ASN A 127 -2.05 -8.37 -1.05
CA ASN A 127 -3.23 -8.72 -0.25
C ASN A 127 -3.51 -10.21 -0.40
N ILE A 128 -3.61 -10.90 0.71
CA ILE A 128 -3.76 -12.37 0.73
C ILE A 128 -5.04 -12.80 1.43
N HIS A 129 -5.75 -13.70 0.76
CA HIS A 129 -6.93 -14.32 1.32
CA HIS A 129 -6.92 -14.32 1.36
C HIS A 129 -6.52 -15.70 1.85
N ILE A 130 -6.69 -15.88 3.16
CA ILE A 130 -6.35 -17.13 3.82
C ILE A 130 -7.63 -17.56 4.65
N TYR A 131 -8.23 -18.64 4.17
CA TYR A 131 -9.57 -19.10 4.69
C TYR A 131 -10.51 -17.95 4.69
N ASP A 132 -11.04 -17.48 5.80
CA ASP A 132 -12.05 -16.46 5.84
C ASP A 132 -11.51 -15.06 6.14
N THR A 133 -10.18 -14.85 6.08
CA THR A 133 -9.60 -13.57 6.38
C THR A 133 -8.85 -13.02 5.14
N GLU A 134 -8.96 -11.76 4.88
CA GLU A 134 -8.08 -11.09 3.91
CA GLU A 134 -8.06 -11.06 3.92
C GLU A 134 -7.15 -10.21 4.76
N LYS A 135 -5.82 -10.34 4.51
CA LYS A 135 -4.90 -9.41 5.25
C LYS A 135 -3.89 -8.85 4.22
N LYS A 136 -3.42 -7.64 4.47
CA LYS A 136 -2.26 -7.07 3.69
C LYS A 136 -1.08 -7.77 4.29
N MET A 137 -0.26 -8.34 3.43
CA MET A 137 0.93 -9.11 3.78
C MET A 137 2.09 -8.65 2.87
N VAL A 138 3.26 -9.28 3.00
CA VAL A 138 4.27 -9.24 1.97
C VAL A 138 4.54 -10.67 1.51
N GLU A 139 5.12 -10.77 0.30
CA GLU A 139 5.66 -12.02 -0.23
C GLU A 139 7.17 -11.89 -0.16
N ILE A 140 7.79 -12.90 0.45
CA ILE A 140 9.28 -12.92 0.59
C ILE A 140 9.84 -13.83 -0.50
N ASN A 141 10.85 -13.36 -1.19
CA ASN A 141 11.40 -14.10 -2.35
C ASN A 141 12.84 -13.68 -2.55
N PHE A 142 13.58 -14.46 -3.33
CA PHE A 142 14.94 -14.15 -3.77
C PHE A 142 15.95 -14.00 -2.61
N LEU A 143 15.71 -14.80 -1.54
CA LEU A 143 16.73 -14.92 -0.47
C LEU A 143 17.93 -15.70 -1.04
N CYS A 144 19.10 -15.08 -0.98
CA CYS A 144 20.29 -15.72 -1.58
C CYS A 144 21.49 -15.31 -0.79
N VAL A 145 22.33 -16.30 -0.42
CA VAL A 145 23.69 -16.03 0.16
C VAL A 145 24.71 -16.64 -0.82
N HIS A 146 25.77 -15.88 -1.10
CA HIS A 146 26.81 -16.38 -2.00
C HIS A 146 27.35 -17.78 -1.50
N LYS A 147 27.65 -18.66 -2.46
CA LYS A 147 28.19 -19.97 -2.09
C LYS A 147 29.41 -19.94 -1.14
N LYS A 148 30.23 -18.91 -1.23
CA LYS A 148 31.46 -18.88 -0.37
C LYS A 148 31.09 -18.43 1.06
N LEU A 149 29.87 -17.94 1.28
CA LEU A 149 29.37 -17.53 2.61
C LEU A 149 28.36 -18.47 3.24
N ARG A 150 28.13 -19.67 2.71
CA ARG A 150 27.11 -20.57 3.18
C ARG A 150 27.41 -21.14 4.60
N SER A 151 26.38 -21.49 5.32
CA SER A 151 26.44 -22.17 6.60
C SER A 151 27.16 -21.31 7.63
N LYS A 152 27.09 -20.00 7.55
CA LYS A 152 27.67 -19.07 8.54
C LYS A 152 26.54 -18.25 9.22
N ARG A 153 25.28 -18.70 9.10
CA ARG A 153 24.09 -18.06 9.76
C ARG A 153 23.95 -16.64 9.31
N VAL A 154 24.22 -16.33 8.07
CA VAL A 154 23.88 -15.05 7.43
C VAL A 154 22.37 -15.01 7.07
N ALA A 155 21.78 -16.15 6.64
CA ALA A 155 20.33 -16.12 6.23
C ALA A 155 19.43 -15.62 7.36
N PRO A 156 19.59 -16.04 8.63
CA PRO A 156 18.71 -15.47 9.67
C PRO A 156 18.86 -13.99 9.83
N VAL A 157 20.03 -13.44 9.57
CA VAL A 157 20.19 -11.96 9.70
C VAL A 157 19.38 -11.26 8.58
N LEU A 158 19.45 -11.78 7.35
CA LEU A 158 18.64 -11.22 6.24
C LEU A 158 17.17 -11.41 6.54
N ILE A 159 16.72 -12.49 7.17
CA ILE A 159 15.29 -12.70 7.44
C ILE A 159 14.84 -11.70 8.52
N ARG A 160 15.64 -11.56 9.60
CA ARG A 160 15.26 -10.58 10.65
C ARG A 160 15.30 -9.17 10.10
N GLU A 161 16.25 -8.82 9.23
CA GLU A 161 16.30 -7.46 8.72
C GLU A 161 15.13 -7.14 7.80
N ILE A 162 14.70 -8.06 6.90
CA ILE A 162 13.56 -7.75 6.07
C ILE A 162 12.33 -7.73 6.99
N THR A 163 12.25 -8.61 8.00
CA THR A 163 11.10 -8.54 8.91
C THR A 163 10.98 -7.18 9.56
N ARG A 164 12.08 -6.63 10.09
CA ARG A 164 12.07 -5.31 10.69
C ARG A 164 11.56 -4.28 9.72
N ARG A 165 12.16 -4.27 8.47
CA ARG A 165 11.74 -3.23 7.50
C ARG A 165 10.31 -3.37 7.10
N VAL A 166 9.74 -4.57 7.12
CA VAL A 166 8.32 -4.72 6.80
C VAL A 166 7.50 -4.22 8.02
N HIS A 167 7.92 -4.58 9.22
CA HIS A 167 7.19 -4.06 10.41
C HIS A 167 7.19 -2.55 10.44
N LEU A 168 8.20 -1.85 10.00
CA LEU A 168 8.17 -0.38 10.03
C LEU A 168 7.06 0.16 9.15
N GLU A 169 6.64 -0.61 8.12
CA GLU A 169 5.59 -0.17 7.20
C GLU A 169 4.26 -0.69 7.77
N GLY A 170 4.14 -1.27 8.94
CA GLY A 170 2.86 -1.63 9.57
C GLY A 170 2.27 -2.98 9.15
N ILE A 171 3.13 -3.84 8.58
CA ILE A 171 2.70 -5.18 8.08
C ILE A 171 3.27 -6.20 9.02
N PHE A 172 2.46 -7.18 9.44
CA PHE A 172 2.84 -8.15 10.46
C PHE A 172 2.70 -9.60 10.06
N GLN A 173 2.28 -9.90 8.80
CA GLN A 173 2.21 -11.25 8.23
C GLN A 173 2.93 -11.29 6.90
N ALA A 174 3.41 -12.46 6.55
CA ALA A 174 4.06 -12.73 5.25
C ALA A 174 3.69 -14.06 4.72
N VAL A 175 3.81 -14.25 3.40
CA VAL A 175 3.70 -15.55 2.76
C VAL A 175 4.98 -15.82 2.03
N TYR A 176 5.44 -17.07 1.97
CA TYR A 176 6.69 -17.42 1.29
C TYR A 176 6.59 -18.92 0.93
N THR A 177 7.43 -19.29 -0.03
CA THR A 177 7.61 -20.72 -0.45
C THR A 177 9.07 -21.03 -0.36
N ALA A 178 9.35 -22.34 -0.16
CA ALA A 178 10.72 -22.86 -0.18
C ALA A 178 10.66 -24.34 -0.40
N GLY A 179 11.78 -24.83 -0.97
CA GLY A 179 11.90 -26.34 -1.17
C GLY A 179 12.27 -27.03 0.09
N VAL A 180 12.65 -26.36 1.17
CA VAL A 180 12.99 -27.04 2.44
C VAL A 180 11.88 -27.02 3.46
N VAL A 181 11.83 -28.02 4.36
CA VAL A 181 10.89 -28.09 5.44
C VAL A 181 11.34 -27.26 6.60
N LEU A 182 10.51 -26.33 7.00
CA LEU A 182 10.64 -25.37 8.16
C LEU A 182 9.38 -25.41 8.96
N PRO A 183 9.41 -24.95 10.22
CA PRO A 183 8.18 -24.75 10.95
C PRO A 183 7.37 -23.62 10.26
N LYS A 184 6.13 -23.81 9.86
CA LYS A 184 5.39 -25.11 9.70
C LYS A 184 4.62 -24.93 8.34
N PRO A 185 4.76 -25.86 7.41
CA PRO A 185 4.04 -25.65 6.09
C PRO A 185 2.54 -25.54 6.28
N VAL A 186 1.93 -24.58 5.57
CA VAL A 186 0.48 -24.52 5.42
C VAL A 186 0.00 -25.39 4.30
N GLY A 187 0.89 -25.71 3.38
CA GLY A 187 0.52 -26.65 2.24
C GLY A 187 1.79 -27.11 1.64
N THR A 188 1.79 -28.27 0.99
CA THR A 188 2.93 -28.92 0.41
C THR A 188 2.54 -29.32 -0.99
N CYS A 189 3.32 -28.83 -1.99
CA CYS A 189 3.05 -29.12 -3.40
C CYS A 189 4.16 -29.83 -4.10
N ARG A 190 3.84 -30.84 -4.90
CA ARG A 190 4.84 -31.48 -5.71
C ARG A 190 4.93 -30.78 -7.07
N TYR A 191 6.13 -30.60 -7.62
CA TYR A 191 6.28 -30.14 -9.00
C TYR A 191 6.34 -31.33 -9.95
N TRP A 192 5.84 -31.08 -11.14
CA TRP A 192 5.82 -32.03 -12.32
C TRP A 192 6.36 -31.39 -13.51
N HIS A 193 6.76 -32.13 -14.54
CA HIS A 193 7.33 -31.57 -15.74
C HIS A 193 6.67 -32.21 -16.96
N ARG A 194 6.65 -31.52 -18.08
CA ARG A 194 6.04 -32.08 -19.34
C ARG A 194 7.08 -31.81 -20.37
N SER A 195 7.66 -32.92 -20.95
CA SER A 195 8.73 -32.80 -21.95
CA SER A 195 8.69 -32.85 -21.91
C SER A 195 8.21 -32.20 -23.22
N LEU A 196 8.92 -31.22 -23.74
CA LEU A 196 8.58 -30.64 -25.03
C LEU A 196 9.62 -30.97 -26.06
N ASN A 197 10.87 -31.03 -25.66
CA ASN A 197 12.00 -31.35 -26.57
C ASN A 197 12.81 -32.52 -25.89
N PRO A 198 12.28 -33.78 -25.96
CA PRO A 198 12.91 -34.88 -25.26
C PRO A 198 14.30 -35.23 -25.65
N ARG A 199 14.71 -35.07 -26.91
CA ARG A 199 16.11 -35.32 -27.35
CA ARG A 199 16.11 -35.31 -27.35
C ARG A 199 17.06 -34.46 -26.48
N LYS A 200 16.81 -33.14 -26.38
CA LYS A 200 17.68 -32.29 -25.56
C LYS A 200 17.53 -32.64 -24.07
N LEU A 201 16.32 -32.89 -23.52
CA LEU A 201 16.16 -33.19 -22.12
C LEU A 201 16.96 -34.47 -21.69
N ILE A 202 16.97 -35.47 -22.60
CA ILE A 202 17.73 -36.70 -22.34
C ILE A 202 19.24 -36.44 -22.52
N GLU A 203 19.71 -35.63 -23.48
CA GLU A 203 21.15 -35.24 -23.65
CA GLU A 203 21.09 -35.29 -23.66
C GLU A 203 21.71 -34.57 -22.43
N VAL A 204 20.97 -33.61 -21.88
CA VAL A 204 21.43 -32.86 -20.67
C VAL A 204 21.12 -33.58 -19.35
N LYS A 205 20.50 -34.75 -19.39
CA LYS A 205 20.13 -35.57 -18.27
C LYS A 205 19.17 -34.95 -17.29
N PHE A 206 18.30 -34.09 -17.88
CA PHE A 206 17.10 -33.73 -17.14
C PHE A 206 16.16 -34.92 -17.10
N SER A 207 16.11 -35.63 -18.25
CA SER A 207 15.24 -36.83 -18.41
C SER A 207 16.14 -38.02 -18.66
N HIS A 208 15.53 -39.19 -18.55
CA HIS A 208 16.24 -40.44 -19.02
C HIS A 208 15.36 -41.11 -20.04
N LEU A 209 16.02 -41.82 -20.96
CA LEU A 209 15.31 -42.63 -21.97
C LEU A 209 14.82 -43.87 -21.29
N SER A 210 13.52 -44.14 -21.40
CA SER A 210 12.89 -45.32 -20.82
C SER A 210 13.57 -46.61 -21.38
N ARG A 211 13.76 -47.61 -20.51
CA ARG A 211 14.21 -48.97 -21.00
C ARG A 211 13.17 -49.65 -21.86
N ASN A 212 11.93 -49.18 -21.80
CA ASN A 212 10.86 -49.71 -22.58
C ASN A 212 10.40 -48.85 -23.78
N MET A 213 11.22 -47.85 -24.14
CA MET A 213 10.87 -47.02 -25.30
C MET A 213 12.09 -46.65 -26.00
N THR A 214 12.04 -46.69 -27.33
CA THR A 214 13.13 -46.18 -28.10
C THR A 214 13.02 -44.60 -28.08
N MET A 215 14.08 -43.98 -28.56
CA MET A 215 14.06 -42.50 -28.80
C MET A 215 12.97 -42.14 -29.75
N GLN A 216 12.73 -42.93 -30.85
CA GLN A 216 11.71 -42.68 -31.83
C GLN A 216 10.39 -42.62 -31.15
N ARG A 217 10.08 -43.58 -30.33
CA ARG A 217 8.79 -43.74 -29.71
C ARG A 217 8.61 -42.54 -28.72
N THR A 218 9.70 -42.18 -28.03
CA THR A 218 9.61 -41.09 -26.99
C THR A 218 9.33 -39.79 -27.73
N MET A 219 9.98 -39.53 -28.86
CA MET A 219 9.66 -38.31 -29.62
CA MET A 219 9.65 -38.32 -29.65
C MET A 219 8.21 -38.30 -30.07
N LYS A 220 7.68 -39.47 -30.47
CA LYS A 220 6.31 -39.57 -30.83
C LYS A 220 5.31 -39.41 -29.65
N LEU A 221 5.63 -40.01 -28.50
CA LEU A 221 4.81 -39.91 -27.27
C LEU A 221 4.60 -38.37 -26.91
N TYR A 222 5.65 -37.60 -27.01
CA TYR A 222 5.53 -36.14 -26.56
C TYR A 222 5.23 -35.23 -27.68
N ARG A 223 5.15 -35.67 -28.95
CA ARG A 223 4.85 -34.75 -30.04
C ARG A 223 3.48 -34.07 -29.88
N LEU A 224 3.45 -32.79 -30.25
CA LEU A 224 2.24 -31.98 -30.11
C LEU A 224 1.83 -31.41 -31.47
N PRO A 225 0.53 -31.01 -31.58
CA PRO A 225 0.08 -30.27 -32.76
C PRO A 225 0.86 -28.98 -32.97
N GLU A 226 0.91 -28.48 -34.21
CA GLU A 226 1.62 -27.28 -34.52
C GLU A 226 0.86 -25.98 -34.11
N THR A 227 -0.44 -26.09 -33.91
CA THR A 227 -1.24 -24.91 -33.51
C THR A 227 -2.24 -25.36 -32.45
N PRO A 228 -2.66 -24.43 -31.60
CA PRO A 228 -3.56 -24.87 -30.54
C PRO A 228 -4.98 -25.29 -30.97
N LYS A 229 -5.60 -26.16 -30.19
CA LYS A 229 -6.95 -26.61 -30.62
C LYS A 229 -8.08 -25.62 -30.33
N THR A 230 -8.01 -24.78 -29.29
CA THR A 230 -9.27 -24.08 -28.84
C THR A 230 -9.46 -22.92 -29.76
N ALA A 231 -10.73 -22.80 -30.31
CA ALA A 231 -11.06 -21.69 -31.10
C ALA A 231 -10.95 -20.38 -30.35
N GLY A 232 -10.54 -19.36 -31.07
CA GLY A 232 -10.55 -17.98 -30.56
C GLY A 232 -9.50 -17.65 -29.55
N LEU A 233 -8.46 -18.47 -29.40
CA LEU A 233 -7.32 -18.18 -28.53
CA LEU A 233 -7.27 -18.18 -28.57
C LEU A 233 -6.45 -17.07 -29.14
N ARG A 234 -6.02 -16.10 -28.32
CA ARG A 234 -5.19 -15.03 -28.81
C ARG A 234 -4.43 -14.43 -27.60
N PRO A 235 -3.36 -13.69 -27.82
CA PRO A 235 -2.71 -13.02 -26.63
C PRO A 235 -3.66 -12.03 -26.00
N MET A 236 -3.50 -11.89 -24.69
CA MET A 236 -4.18 -10.84 -23.92
C MET A 236 -3.66 -9.47 -24.41
N GLU A 237 -4.64 -8.52 -24.49
CA GLU A 237 -4.43 -7.14 -24.87
C GLU A 237 -4.92 -6.22 -23.72
N THR A 238 -4.63 -4.92 -23.93
CA THR A 238 -5.05 -3.94 -22.89
C THR A 238 -6.56 -3.92 -22.67
N LYS A 239 -7.37 -4.13 -23.73
CA LYS A 239 -8.82 -4.12 -23.55
C LYS A 239 -9.31 -5.29 -22.72
N ASP A 240 -8.46 -6.32 -22.53
CA ASP A 240 -8.91 -7.50 -21.76
C ASP A 240 -8.56 -7.38 -20.26
N ILE A 241 -7.87 -6.31 -19.83
CA ILE A 241 -7.46 -6.25 -18.40
C ILE A 241 -8.69 -6.40 -17.42
N PRO A 242 -9.83 -5.70 -17.68
CA PRO A 242 -10.93 -5.84 -16.72
C PRO A 242 -11.50 -7.25 -16.67
N VAL A 243 -11.73 -7.88 -17.86
CA VAL A 243 -12.33 -9.19 -17.81
C VAL A 243 -11.34 -10.25 -17.26
N VAL A 244 -10.02 -10.10 -17.53
CA VAL A 244 -9.09 -11.05 -16.85
C VAL A 244 -9.15 -10.87 -15.33
N HIS A 245 -9.23 -9.61 -14.87
CA HIS A 245 -9.39 -9.39 -13.46
C HIS A 245 -10.66 -10.00 -12.93
N GLN A 246 -11.81 -9.84 -13.64
CA GLN A 246 -13.06 -10.46 -13.18
C GLN A 246 -12.97 -11.97 -13.13
N LEU A 247 -12.46 -12.57 -14.22
CA LEU A 247 -12.38 -14.04 -14.30
C LEU A 247 -11.50 -14.60 -13.17
N LEU A 248 -10.31 -13.93 -12.98
CA LEU A 248 -9.39 -14.47 -11.93
C LEU A 248 -10.02 -14.34 -10.52
N THR A 249 -10.63 -13.17 -10.27
CA THR A 249 -11.16 -12.95 -8.92
C THR A 249 -12.23 -13.98 -8.57
N ARG A 250 -13.14 -14.23 -9.54
CA ARG A 250 -14.22 -15.25 -9.34
C ARG A 250 -13.67 -16.62 -9.18
N TYR A 251 -12.69 -17.02 -10.05
CA TYR A 251 -12.13 -18.35 -10.04
C TYR A 251 -11.38 -18.69 -8.74
N LEU A 252 -10.72 -17.68 -8.15
CA LEU A 252 -9.86 -17.97 -6.98
C LEU A 252 -10.66 -18.14 -5.71
N LYS A 253 -11.99 -17.81 -5.72
CA LYS A 253 -12.78 -17.94 -4.48
C LYS A 253 -12.89 -19.40 -3.97
N GLN A 254 -12.71 -20.42 -4.82
CA GLN A 254 -12.84 -21.78 -4.47
C GLN A 254 -11.64 -22.31 -3.67
N PHE A 255 -10.52 -21.53 -3.59
CA PHE A 255 -9.29 -22.04 -2.91
C PHE A 255 -9.16 -21.40 -1.54
N HIS A 256 -8.24 -21.87 -0.69
CA HIS A 256 -8.06 -21.35 0.63
C HIS A 256 -6.88 -20.43 0.90
N LEU A 257 -5.93 -20.40 -0.05
CA LEU A 257 -4.81 -19.42 0.06
C LEU A 257 -4.66 -18.81 -1.36
N THR A 258 -4.98 -17.54 -1.46
CA THR A 258 -4.96 -16.89 -2.81
C THR A 258 -4.55 -15.45 -2.67
N PRO A 259 -4.06 -14.85 -3.77
CA PRO A 259 -3.91 -13.39 -3.77
C PRO A 259 -5.25 -12.73 -4.05
N VAL A 260 -5.32 -11.46 -3.67
CA VAL A 260 -6.43 -10.57 -4.03
C VAL A 260 -5.80 -9.47 -4.82
N MET A 261 -5.99 -9.45 -6.13
CA MET A 261 -5.28 -8.47 -6.99
C MET A 261 -6.19 -7.35 -7.43
N SER A 262 -5.69 -6.13 -7.38
CA SER A 262 -6.38 -5.00 -8.01
C SER A 262 -6.29 -5.08 -9.57
N GLN A 263 -7.03 -4.27 -10.26
CA GLN A 263 -6.94 -4.24 -11.70
C GLN A 263 -5.51 -3.82 -12.13
N GLU A 264 -4.87 -2.91 -11.44
CA GLU A 264 -3.47 -2.60 -11.78
C GLU A 264 -2.54 -3.76 -11.55
N GLU A 265 -2.75 -4.55 -10.49
CA GLU A 265 -1.88 -5.72 -10.31
C GLU A 265 -2.16 -6.77 -11.36
N VAL A 266 -3.41 -6.93 -11.81
CA VAL A 266 -3.65 -7.89 -12.92
C VAL A 266 -2.96 -7.39 -14.18
N GLU A 267 -2.94 -6.10 -14.48
CA GLU A 267 -2.21 -5.67 -15.63
CA GLU A 267 -2.17 -5.62 -15.62
C GLU A 267 -0.70 -6.03 -15.43
N HIS A 268 -0.13 -5.79 -14.26
CA HIS A 268 1.29 -6.08 -14.08
C HIS A 268 1.59 -7.55 -14.22
N TRP A 269 0.82 -8.38 -13.57
CA TRP A 269 1.17 -9.83 -13.52
C TRP A 269 0.81 -10.58 -14.80
N PHE A 270 -0.09 -10.07 -15.67
CA PHE A 270 -0.56 -10.84 -16.80
C PHE A 270 -0.34 -10.21 -18.12
N TYR A 271 -0.19 -8.90 -18.23
CA TYR A 271 -0.06 -8.30 -19.57
C TYR A 271 1.19 -8.84 -20.25
N PRO A 272 1.12 -9.36 -21.47
CA PRO A 272 2.32 -10.09 -21.99
C PRO A 272 3.52 -9.24 -22.11
N GLN A 273 4.66 -9.90 -21.74
CA GLN A 273 6.02 -9.30 -21.96
C GLN A 273 6.86 -10.40 -22.53
N GLU A 274 7.42 -10.23 -23.78
CA GLU A 274 8.10 -11.39 -24.41
CA GLU A 274 8.17 -11.31 -24.42
C GLU A 274 9.29 -11.86 -23.51
N ASN A 275 9.39 -13.15 -23.45
CA ASN A 275 10.49 -13.80 -22.61
C ASN A 275 10.40 -13.55 -21.13
N ILE A 276 9.18 -13.19 -20.68
CA ILE A 276 8.93 -13.01 -19.22
C ILE A 276 7.60 -13.70 -18.86
N ILE A 277 6.50 -13.14 -19.49
CA ILE A 277 5.16 -13.60 -19.11
C ILE A 277 4.30 -13.69 -20.39
N ASP A 278 3.56 -14.77 -20.53
CA ASP A 278 2.63 -14.94 -21.68
C ASP A 278 1.28 -15.22 -21.06
N THR A 279 0.24 -14.56 -21.64
CA THR A 279 -1.17 -14.81 -21.26
C THR A 279 -1.98 -14.82 -22.54
N PHE A 280 -2.74 -15.88 -22.69
CA PHE A 280 -3.65 -16.03 -23.85
C PHE A 280 -5.06 -16.18 -23.32
N VAL A 281 -5.97 -15.42 -23.99
CA VAL A 281 -7.37 -15.42 -23.65
C VAL A 281 -8.18 -16.18 -24.77
N VAL A 282 -9.32 -16.74 -24.35
CA VAL A 282 -10.26 -17.38 -25.35
C VAL A 282 -11.38 -16.34 -25.55
N GLU A 283 -11.52 -15.86 -26.76
CA GLU A 283 -12.61 -14.93 -27.16
C GLU A 283 -13.62 -15.63 -28.07
N ASN A 284 -14.82 -15.84 -27.56
CA ASN A 284 -15.81 -16.67 -28.26
C ASN A 284 -16.47 -15.93 -29.47
N ALA A 285 -17.46 -16.64 -30.04
CA ALA A 285 -18.13 -16.22 -31.30
C ALA A 285 -18.93 -14.94 -31.09
N ASN A 286 -19.25 -14.66 -29.83
CA ASN A 286 -19.93 -13.46 -29.42
C ASN A 286 -18.99 -12.30 -29.04
N GLY A 287 -17.66 -12.51 -29.09
CA GLY A 287 -16.76 -11.50 -28.66
C GLY A 287 -16.41 -11.49 -27.18
N GLU A 288 -16.88 -12.46 -26.47
CA GLU A 288 -16.76 -12.49 -24.94
CA GLU A 288 -16.68 -12.40 -24.99
C GLU A 288 -15.47 -13.29 -24.66
N VAL A 289 -14.67 -12.77 -23.70
CA VAL A 289 -13.54 -13.57 -23.16
C VAL A 289 -14.02 -14.44 -22.04
N THR A 290 -13.82 -15.74 -22.12
CA THR A 290 -14.37 -16.69 -21.17
C THR A 290 -13.32 -17.52 -20.40
N ASP A 291 -12.07 -17.49 -20.87
CA ASP A 291 -11.00 -18.31 -20.24
C ASP A 291 -9.69 -17.60 -20.52
N PHE A 292 -8.67 -17.97 -19.69
CA PHE A 292 -7.30 -17.56 -20.06
C PHE A 292 -6.32 -18.56 -19.45
N LEU A 293 -5.15 -18.60 -20.11
CA LEU A 293 -4.01 -19.41 -19.58
C LEU A 293 -2.82 -18.47 -19.51
N SER A 294 -1.85 -18.81 -18.62
CA SER A 294 -0.65 -17.97 -18.50
C SER A 294 0.55 -18.87 -18.02
N PHE A 295 1.71 -18.42 -18.46
CA PHE A 295 2.95 -19.12 -17.97
C PHE A 295 4.09 -18.17 -18.09
N TYR A 296 5.03 -18.29 -17.16
CA TYR A 296 6.19 -17.40 -17.16
C TYR A 296 7.49 -18.11 -17.63
N THR A 297 8.41 -17.35 -18.10
CA THR A 297 9.68 -17.87 -18.73
C THR A 297 10.83 -17.81 -17.74
N LEU A 298 11.44 -18.99 -17.44
CA LEU A 298 12.50 -18.99 -16.39
C LEU A 298 13.52 -20.12 -16.86
N PRO A 299 14.57 -19.69 -17.56
CA PRO A 299 15.56 -20.75 -17.96
C PRO A 299 16.34 -21.22 -16.76
N SER A 300 16.97 -22.42 -16.89
CA SER A 300 17.98 -22.93 -15.90
C SER A 300 19.33 -23.09 -16.59
N THR A 301 20.34 -22.62 -15.96
CA THR A 301 21.76 -22.97 -16.36
C THR A 301 21.99 -24.43 -16.14
N ILE A 302 22.57 -25.05 -17.20
CA ILE A 302 22.96 -26.49 -17.15
C ILE A 302 24.41 -26.54 -16.67
N MET A 303 24.58 -26.83 -15.39
CA MET A 303 25.86 -26.61 -14.72
C MET A 303 26.98 -27.48 -15.33
N ASN A 304 28.08 -26.78 -15.64
CA ASN A 304 29.36 -27.46 -16.07
C ASN A 304 29.20 -28.30 -17.32
N HIS A 305 28.24 -27.98 -18.21
CA HIS A 305 28.03 -28.84 -19.35
C HIS A 305 28.73 -28.28 -20.58
N PRO A 306 29.49 -29.14 -21.33
CA PRO A 306 30.22 -28.52 -22.42
C PRO A 306 29.41 -28.03 -23.62
N THR A 307 28.28 -28.67 -23.90
CA THR A 307 27.52 -28.40 -25.16
C THR A 307 26.34 -27.47 -24.83
N HIS A 308 25.21 -28.00 -24.45
CA HIS A 308 24.02 -27.15 -24.17
C HIS A 308 24.27 -26.43 -22.81
N LYS A 309 24.02 -25.14 -22.83
CA LYS A 309 24.30 -24.30 -21.66
C LYS A 309 23.03 -23.92 -20.86
N SER A 310 21.87 -24.00 -21.49
CA SER A 310 20.64 -23.37 -20.89
C SER A 310 19.48 -24.31 -21.25
N LEU A 311 18.65 -24.62 -20.26
CA LEU A 311 17.38 -25.31 -20.39
C LEU A 311 16.24 -24.25 -20.46
N LYS A 312 15.51 -24.21 -21.54
CA LYS A 312 14.41 -23.23 -21.74
CA LYS A 312 14.42 -23.26 -21.73
C LYS A 312 13.13 -23.80 -21.14
N ALA A 313 12.66 -23.23 -19.98
CA ALA A 313 11.56 -23.81 -19.23
C ALA A 313 10.45 -22.71 -19.10
N ALA A 314 9.22 -23.20 -19.25
CA ALA A 314 8.01 -22.39 -19.00
C ALA A 314 7.39 -22.96 -17.76
N TYR A 315 6.79 -22.07 -16.91
CA TYR A 315 6.16 -22.41 -15.67
C TYR A 315 4.68 -21.96 -15.66
N SER A 316 3.78 -22.92 -15.45
CA SER A 316 2.34 -22.60 -15.29
C SER A 316 2.14 -21.55 -14.21
N PHE A 317 1.27 -20.57 -14.52
CA PHE A 317 1.05 -19.44 -13.62
C PHE A 317 -0.38 -19.55 -13.11
N TYR A 318 -1.32 -18.76 -13.66
CA TYR A 318 -2.78 -18.89 -13.33
C TYR A 318 -3.56 -19.23 -14.59
N ASN A 319 -4.41 -20.27 -14.49
CA ASN A 319 -5.20 -20.75 -15.63
C ASN A 319 -6.64 -20.75 -15.15
N VAL A 320 -7.47 -20.01 -15.87
CA VAL A 320 -8.89 -19.81 -15.46
C VAL A 320 -9.78 -20.33 -16.59
N HIS A 321 -10.71 -21.26 -16.19
CA HIS A 321 -11.67 -21.86 -17.24
C HIS A 321 -13.04 -21.60 -16.72
N THR A 322 -13.92 -21.14 -17.66
CA THR A 322 -15.41 -21.04 -17.39
C THR A 322 -16.17 -21.73 -18.57
N GLN A 323 -15.62 -21.78 -19.75
CA GLN A 323 -16.34 -22.45 -20.89
C GLN A 323 -15.45 -23.45 -21.62
N THR A 324 -14.14 -23.33 -21.65
CA THR A 324 -13.25 -24.24 -22.28
C THR A 324 -12.80 -25.21 -21.20
N PRO A 325 -12.79 -26.54 -21.46
CA PRO A 325 -12.36 -27.45 -20.40
C PRO A 325 -10.91 -27.14 -20.00
N LEU A 326 -10.62 -27.25 -18.73
CA LEU A 326 -9.25 -27.05 -18.28
C LEU A 326 -8.21 -27.95 -19.01
N LEU A 327 -8.60 -29.20 -19.30
CA LEU A 327 -7.68 -30.10 -19.99
C LEU A 327 -7.31 -29.50 -21.32
N ASP A 328 -8.29 -28.90 -22.06
CA ASP A 328 -7.95 -28.36 -23.39
C ASP A 328 -7.09 -27.07 -23.30
N LEU A 329 -7.47 -26.21 -22.30
CA LEU A 329 -6.63 -25.03 -22.05
C LEU A 329 -5.18 -25.38 -21.78
N MET A 330 -4.94 -26.42 -20.99
CA MET A 330 -3.56 -26.85 -20.66
C MET A 330 -2.87 -27.46 -21.86
N SER A 331 -3.62 -28.23 -22.68
CA SER A 331 -3.05 -28.68 -23.94
CA SER A 331 -3.09 -28.67 -23.98
C SER A 331 -2.57 -27.52 -24.85
N ASP A 332 -3.42 -26.45 -24.89
CA ASP A 332 -3.14 -25.20 -25.62
CA ASP A 332 -3.00 -25.32 -25.73
C ASP A 332 -1.82 -24.58 -25.13
N ALA A 333 -1.72 -24.54 -23.79
CA ALA A 333 -0.49 -23.99 -23.16
C ALA A 333 0.79 -24.73 -23.57
N LEU A 334 0.64 -26.09 -23.58
CA LEU A 334 1.83 -26.91 -24.03
C LEU A 334 2.18 -26.67 -25.47
N VAL A 335 1.13 -26.55 -26.36
CA VAL A 335 1.40 -26.27 -27.76
C VAL A 335 2.09 -24.97 -27.98
N LEU A 336 1.54 -23.92 -27.26
CA LEU A 336 2.14 -22.62 -27.37
C LEU A 336 3.59 -22.51 -26.90
N ALA A 337 3.81 -23.19 -25.75
CA ALA A 337 5.19 -23.24 -25.21
C ALA A 337 6.17 -23.92 -26.24
N LYS A 338 5.69 -25.04 -26.82
CA LYS A 338 6.52 -25.67 -27.82
C LYS A 338 6.75 -24.78 -29.01
N MET A 339 5.70 -24.04 -29.45
CA MET A 339 5.92 -23.11 -30.57
C MET A 339 6.95 -22.01 -30.31
N LYS A 340 6.98 -21.60 -29.03
CA LYS A 340 7.90 -20.57 -28.58
C LYS A 340 9.31 -21.09 -28.25
N GLY A 341 9.57 -22.36 -28.49
CA GLY A 341 10.98 -22.87 -28.38
C GLY A 341 11.30 -23.38 -26.99
N PHE A 342 10.31 -23.55 -26.09
CA PHE A 342 10.66 -24.11 -24.77
C PHE A 342 11.05 -25.57 -24.91
N ASP A 343 11.85 -26.04 -23.96
CA ASP A 343 12.23 -27.51 -23.84
C ASP A 343 11.34 -28.27 -22.94
N VAL A 344 10.74 -27.66 -21.87
CA VAL A 344 9.97 -28.34 -20.84
C VAL A 344 8.90 -27.34 -20.32
N PHE A 345 7.79 -27.84 -19.90
CA PHE A 345 6.77 -27.05 -19.21
C PHE A 345 6.62 -27.62 -17.82
N ASN A 346 6.67 -26.75 -16.80
CA ASN A 346 6.61 -27.14 -15.38
C ASN A 346 5.34 -26.72 -14.72
N ALA A 347 4.79 -27.49 -13.83
CA ALA A 347 3.61 -27.11 -13.08
C ALA A 347 3.57 -27.75 -11.73
N LEU A 348 2.96 -27.14 -10.74
CA LEU A 348 2.77 -27.72 -9.43
C LEU A 348 1.43 -28.45 -9.37
N ASP A 349 1.21 -29.21 -8.33
CA ASP A 349 -0.07 -29.93 -8.20
C ASP A 349 -1.13 -29.24 -7.46
N LEU A 350 -1.02 -27.87 -7.42
CA LEU A 350 -1.98 -27.01 -6.72
C LEU A 350 -3.24 -26.66 -7.58
N MET A 351 -4.16 -25.90 -7.04
CA MET A 351 -5.40 -25.57 -7.70
C MET A 351 -6.03 -26.88 -8.30
N GLU A 352 -6.50 -26.84 -9.53
CA GLU A 352 -7.16 -28.08 -10.10
C GLU A 352 -6.13 -28.79 -10.91
N ASN A 353 -4.82 -28.59 -10.72
CA ASN A 353 -3.88 -29.10 -11.65
C ASN A 353 -3.80 -30.68 -11.72
N LYS A 354 -4.08 -31.30 -10.55
CA LYS A 354 -4.08 -32.82 -10.58
C LYS A 354 -5.11 -33.35 -11.57
N THR A 355 -6.10 -32.60 -11.98
CA THR A 355 -7.11 -33.09 -12.94
C THR A 355 -6.49 -33.24 -14.31
N PHE A 356 -5.32 -32.68 -14.62
CA PHE A 356 -4.77 -32.79 -15.93
C PHE A 356 -3.33 -33.32 -16.05
N LEU A 357 -2.56 -33.32 -14.94
CA LEU A 357 -1.13 -33.66 -15.01
C LEU A 357 -0.86 -34.99 -15.71
N GLU A 358 -1.50 -36.06 -15.16
CA GLU A 358 -1.23 -37.41 -15.73
C GLU A 358 -1.81 -37.52 -17.16
N LYS A 359 -2.98 -36.93 -17.39
CA LYS A 359 -3.63 -37.04 -18.73
C LYS A 359 -2.82 -36.41 -19.82
N LEU A 360 -2.12 -35.29 -19.50
CA LEU A 360 -1.29 -34.63 -20.46
C LEU A 360 0.17 -35.01 -20.45
N LYS A 361 0.48 -36.17 -19.88
CA LYS A 361 1.83 -36.76 -20.04
CA LYS A 361 1.81 -36.80 -19.93
C LYS A 361 2.90 -36.03 -19.16
N PHE A 362 2.49 -35.31 -18.14
CA PHE A 362 3.51 -34.80 -17.19
C PHE A 362 4.07 -36.01 -16.40
N GLY A 363 5.29 -35.86 -15.92
CA GLY A 363 5.92 -36.81 -15.02
C GLY A 363 6.21 -36.07 -13.70
N ILE A 364 6.14 -36.78 -12.58
CA ILE A 364 6.32 -36.18 -11.27
C ILE A 364 7.81 -35.94 -11.04
N GLY A 365 8.16 -34.78 -10.47
CA GLY A 365 9.56 -34.52 -10.09
C GLY A 365 10.02 -35.14 -8.80
N ASP A 366 11.15 -34.64 -8.30
CA ASP A 366 11.68 -35.25 -7.13
C ASP A 366 11.53 -34.56 -5.79
N GLY A 367 10.96 -33.36 -5.75
CA GLY A 367 10.90 -32.63 -4.48
C GLY A 367 9.57 -31.88 -4.36
N ASN A 368 9.49 -31.13 -3.26
CA ASN A 368 8.33 -30.40 -2.78
CA ASN A 368 8.27 -30.38 -2.97
C ASN A 368 8.61 -28.88 -2.91
N LEU A 369 7.56 -28.12 -3.14
CA LEU A 369 7.60 -26.65 -2.86
C LEU A 369 6.60 -26.50 -1.69
N GLN A 370 7.13 -26.10 -0.49
CA GLN A 370 6.34 -25.89 0.69
CA GLN A 370 6.27 -25.88 0.67
C GLN A 370 5.83 -24.42 0.71
N TYR A 371 4.61 -24.20 1.21
CA TYR A 371 4.05 -22.86 1.38
C TYR A 371 3.98 -22.56 2.86
N TYR A 372 4.26 -21.33 3.22
CA TYR A 372 4.34 -20.94 4.64
C TYR A 372 3.69 -19.56 4.80
N LEU A 373 3.14 -19.37 6.00
CA LEU A 373 2.74 -18.06 6.52
C LEU A 373 3.60 -17.70 7.72
N TYR A 374 4.01 -16.42 7.82
CA TYR A 374 4.70 -15.90 9.04
C TYR A 374 3.66 -15.19 9.87
N ASN A 375 3.65 -15.51 11.19
CA ASN A 375 2.79 -14.84 12.18
C ASN A 375 1.28 -15.05 11.89
N TRP A 376 0.95 -16.25 11.35
CA TRP A 376 -0.47 -16.55 11.13
C TRP A 376 -0.68 -18.02 11.37
N LYS A 377 -1.49 -18.33 12.38
CA LYS A 377 -1.83 -19.73 12.73
CA LYS A 377 -1.73 -19.78 12.59
C LYS A 377 -3.10 -20.17 12.01
N CYS A 378 -3.10 -21.30 11.31
CA CYS A 378 -4.40 -21.74 10.72
C CYS A 378 -4.12 -23.25 10.42
N PRO A 379 -5.19 -23.99 10.12
CA PRO A 379 -4.98 -25.38 9.73
C PRO A 379 -4.24 -25.49 8.38
N SER A 380 -3.44 -26.47 8.23
CA SER A 380 -2.89 -26.79 6.91
C SER A 380 -3.97 -27.25 5.90
N MET A 381 -3.63 -27.16 4.59
CA MET A 381 -4.61 -27.51 3.59
C MET A 381 -3.94 -28.40 2.57
N GLY A 382 -4.81 -29.16 1.82
CA GLY A 382 -4.34 -29.96 0.70
C GLY A 382 -3.82 -29.08 -0.44
N ALA A 383 -3.00 -29.67 -1.25
CA ALA A 383 -2.39 -28.93 -2.44
C ALA A 383 -3.50 -28.37 -3.32
N GLU A 384 -4.64 -29.02 -3.44
CA GLU A 384 -5.75 -28.65 -4.33
CA GLU A 384 -5.64 -28.62 -4.39
C GLU A 384 -6.42 -27.39 -3.84
N LYS A 385 -6.13 -26.98 -2.57
CA LYS A 385 -6.72 -25.77 -2.04
C LYS A 385 -5.75 -24.59 -2.05
N VAL A 386 -4.52 -24.90 -2.45
CA VAL A 386 -3.52 -23.75 -2.54
C VAL A 386 -3.81 -23.05 -3.89
N GLY A 387 -4.01 -21.72 -3.91
CA GLY A 387 -4.33 -20.95 -5.10
C GLY A 387 -3.41 -19.73 -5.28
N LEU A 388 -2.11 -19.96 -5.04
CA LEU A 388 -1.17 -18.82 -5.05
C LEU A 388 0.12 -19.35 -5.68
N VAL A 389 0.68 -18.62 -6.65
CA VAL A 389 1.93 -19.01 -7.34
C VAL A 389 2.95 -17.89 -7.18
N LEU A 390 4.12 -18.18 -6.63
CA LEU A 390 5.25 -17.17 -6.53
C LEU A 390 6.34 -17.53 -7.54
N GLN A 391 6.96 -16.54 -8.13
CA GLN A 391 7.99 -16.81 -9.18
C GLN A 391 9.25 -17.39 -8.56
N ARG B 10 -34.45 19.72 -0.34
CA ARG B 10 -33.15 19.58 -1.05
C ARG B 10 -33.11 18.36 -1.97
N SER B 11 -32.32 18.45 -3.05
CA SER B 11 -31.87 17.25 -3.76
C SER B 11 -30.41 17.44 -4.24
N TYR B 12 -29.75 16.32 -4.47
CA TYR B 12 -28.27 16.35 -4.75
C TYR B 12 -28.09 15.62 -6.06
N GLN B 13 -28.06 16.36 -7.17
CA GLN B 13 -28.06 15.74 -8.48
C GLN B 13 -26.87 14.76 -8.68
N PHE B 14 -25.70 15.12 -8.13
CA PHE B 14 -24.53 14.17 -8.19
C PHE B 14 -24.58 13.19 -6.99
N TRP B 15 -24.65 13.71 -5.78
CA TRP B 15 -24.47 12.85 -4.62
C TRP B 15 -25.50 11.76 -4.49
N ASP B 16 -26.75 12.02 -4.96
CA ASP B 16 -27.81 10.99 -4.88
C ASP B 16 -27.54 9.81 -5.75
N THR B 17 -26.55 9.88 -6.69
CA THR B 17 -26.18 8.74 -7.52
C THR B 17 -25.06 7.92 -6.91
N GLN B 18 -24.54 8.36 -5.76
CA GLN B 18 -23.28 7.75 -5.19
C GLN B 18 -23.55 6.79 -4.11
N PRO B 19 -22.64 5.90 -3.79
CA PRO B 19 -22.80 4.87 -2.74
C PRO B 19 -22.54 5.47 -1.35
N VAL B 20 -23.45 6.36 -0.91
CA VAL B 20 -23.39 7.01 0.39
C VAL B 20 -24.85 7.00 0.92
N PRO B 21 -25.03 7.09 2.22
CA PRO B 21 -26.43 7.18 2.76
C PRO B 21 -27.06 8.44 2.40
N LYS B 22 -28.45 8.40 2.34
CA LYS B 22 -29.19 9.67 2.14
C LYS B 22 -29.18 10.53 3.40
N LEU B 23 -29.30 11.85 3.23
CA LEU B 23 -29.47 12.74 4.45
C LEU B 23 -30.70 12.32 5.22
N GLY B 24 -30.60 12.25 6.52
CA GLY B 24 -31.80 11.76 7.23
C GLY B 24 -32.23 10.32 7.02
N GLU B 25 -31.52 9.54 6.20
CA GLU B 25 -31.48 8.14 6.47
C GLU B 25 -30.82 8.15 7.86
N VAL B 26 -31.37 7.41 8.80
CA VAL B 26 -30.69 7.21 10.08
C VAL B 26 -30.09 5.84 10.00
N VAL B 27 -28.76 5.80 9.90
CA VAL B 27 -28.06 4.50 9.60
C VAL B 27 -27.87 3.64 10.87
N ASN B 28 -28.19 2.39 10.81
CA ASN B 28 -27.86 1.43 11.91
C ASN B 28 -27.01 0.22 11.60
N THR B 29 -26.55 0.10 10.35
CA THR B 29 -25.78 -1.09 9.98
C THR B 29 -24.27 -0.67 9.82
N HIS B 30 -23.45 -1.62 9.45
CA HIS B 30 -21.98 -1.25 9.24
C HIS B 30 -21.46 -2.06 8.04
N GLY B 31 -21.04 -1.37 6.98
CA GLY B 31 -20.49 -2.14 5.85
C GLY B 31 -20.65 -1.37 4.54
N PRO B 32 -20.15 -1.98 3.45
CA PRO B 32 -20.17 -1.28 2.17
C PRO B 32 -21.57 -1.03 1.67
N VAL B 33 -21.70 0.01 0.86
CA VAL B 33 -23.02 0.34 0.20
C VAL B 33 -23.20 -0.45 -1.06
N GLU B 34 -22.12 -0.78 -1.77
CA GLU B 34 -22.19 -1.50 -3.08
C GLU B 34 -21.02 -2.53 -3.10
N PRO B 35 -21.12 -3.62 -4.01
CA PRO B 35 -20.06 -4.63 -4.02
C PRO B 35 -18.74 -4.10 -4.57
N ASP B 36 -17.63 -4.64 -4.17
CA ASP B 36 -16.27 -4.24 -4.76
C ASP B 36 -16.36 -4.62 -6.21
N LYS B 37 -15.65 -3.87 -7.07
CA LYS B 37 -15.85 -4.04 -8.53
C LYS B 37 -14.91 -5.00 -9.17
N ASP B 38 -15.51 -5.97 -9.84
CA ASP B 38 -14.74 -6.99 -10.59
C ASP B 38 -14.14 -6.35 -11.86
N ASN B 39 -14.74 -5.25 -12.39
CA ASN B 39 -14.30 -4.62 -13.63
C ASN B 39 -14.33 -3.14 -13.33
N ILE B 40 -13.28 -2.41 -13.71
CA ILE B 40 -13.21 -0.96 -13.49
CA ILE B 40 -13.23 -0.96 -13.50
C ILE B 40 -13.02 -0.23 -14.83
N ARG B 41 -13.83 0.81 -15.03
CA ARG B 41 -13.72 1.66 -16.23
C ARG B 41 -12.23 2.07 -16.51
N GLN B 42 -11.74 1.73 -17.72
CA GLN B 42 -10.36 2.07 -18.03
C GLN B 42 -10.15 3.42 -18.52
N GLU B 43 -11.17 4.05 -19.03
CA GLU B 43 -11.04 5.42 -19.68
C GLU B 43 -11.35 6.52 -18.70
N PRO B 44 -10.58 7.59 -18.74
CA PRO B 44 -10.93 8.73 -17.89
C PRO B 44 -12.30 9.31 -18.20
N TYR B 45 -12.93 9.90 -17.17
CA TYR B 45 -14.15 10.65 -17.45
C TYR B 45 -13.88 11.87 -18.28
N THR B 46 -14.94 12.32 -18.92
CA THR B 46 -14.81 13.48 -19.87
C THR B 46 -15.09 14.79 -19.19
N LEU B 47 -14.13 15.69 -19.23
CA LEU B 47 -14.32 17.09 -18.75
C LEU B 47 -15.09 17.99 -19.74
N PRO B 48 -15.64 19.11 -19.27
CA PRO B 48 -16.25 20.02 -20.25
C PRO B 48 -15.25 20.40 -21.37
N GLN B 49 -15.79 20.71 -22.57
CA GLN B 49 -14.92 21.05 -23.73
CA GLN B 49 -14.92 21.03 -23.73
C GLN B 49 -13.90 22.15 -23.37
N GLY B 50 -12.68 21.89 -23.78
CA GLY B 50 -11.59 22.89 -23.52
C GLY B 50 -10.75 22.65 -22.30
N PHE B 51 -11.07 21.54 -21.53
CA PHE B 51 -10.28 21.20 -20.29
C PHE B 51 -9.85 19.77 -20.42
N THR B 52 -8.72 19.45 -19.77
CA THR B 52 -8.10 18.10 -19.89
C THR B 52 -7.40 17.73 -18.60
N TRP B 53 -7.27 16.44 -18.36
CA TRP B 53 -6.50 15.96 -17.17
C TRP B 53 -5.06 16.12 -17.31
N ASP B 54 -4.38 16.32 -16.21
CA ASP B 54 -2.88 16.25 -16.19
C ASP B 54 -2.50 15.84 -14.76
N ALA B 55 -1.80 14.70 -14.59
CA ALA B 55 -1.30 14.33 -13.25
C ALA B 55 -0.12 15.24 -12.91
N LEU B 56 -0.08 15.81 -11.73
CA LEU B 56 0.90 16.85 -11.37
C LEU B 56 2.05 16.17 -10.64
N ASP B 57 3.26 16.26 -11.22
CA ASP B 57 4.49 15.82 -10.52
C ASP B 57 5.00 16.85 -9.60
N LEU B 58 4.69 16.70 -8.33
CA LEU B 58 5.03 17.71 -7.34
C LEU B 58 6.53 17.79 -6.97
N GLY B 59 7.26 16.83 -7.51
CA GLY B 59 8.76 16.84 -7.47
C GLY B 59 9.28 17.79 -8.54
N ASP B 60 8.48 18.25 -9.51
CA ASP B 60 8.89 19.23 -10.51
C ASP B 60 8.54 20.60 -9.83
N ARG B 61 9.51 21.40 -9.45
CA ARG B 61 9.32 22.58 -8.73
C ARG B 61 8.32 23.57 -9.39
N GLY B 62 8.40 23.76 -10.73
CA GLY B 62 7.50 24.69 -11.42
C GLY B 62 6.03 24.15 -11.31
N VAL B 63 5.84 22.85 -11.34
CA VAL B 63 4.42 22.28 -11.23
C VAL B 63 3.96 22.47 -9.77
N LEU B 64 4.81 22.23 -8.79
CA LEU B 64 4.39 22.49 -7.41
C LEU B 64 4.01 23.92 -7.26
N LYS B 65 4.75 24.87 -7.81
CA LYS B 65 4.39 26.27 -7.70
C LYS B 65 3.09 26.61 -8.43
N GLU B 66 2.78 25.89 -9.53
CA GLU B 66 1.48 26.09 -10.19
C GLU B 66 0.29 25.66 -9.24
N LEU B 67 0.51 24.52 -8.56
CA LEU B 67 -0.51 24.09 -7.56
C LEU B 67 -0.61 25.05 -6.41
N TYR B 68 0.55 25.50 -5.83
CA TYR B 68 0.51 26.51 -4.79
C TYR B 68 -0.28 27.75 -5.22
N THR B 69 -0.09 28.21 -6.48
CA THR B 69 -0.81 29.40 -6.96
C THR B 69 -2.30 29.15 -7.09
N LEU B 70 -2.66 27.96 -7.69
CA LEU B 70 -4.11 27.64 -7.81
C LEU B 70 -4.77 27.70 -6.41
N LEU B 71 -4.14 27.07 -5.41
CA LEU B 71 -4.78 27.03 -4.06
C LEU B 71 -4.75 28.37 -3.39
N ASN B 72 -3.61 29.06 -3.52
CA ASN B 72 -3.50 30.39 -2.86
C ASN B 72 -4.61 31.34 -3.38
N GLU B 73 -4.96 31.21 -4.66
CA GLU B 73 -5.90 32.13 -5.25
C GLU B 73 -7.33 31.62 -5.18
N ASN B 74 -7.57 30.27 -5.01
CA ASN B 74 -8.91 29.74 -5.27
C ASN B 74 -9.37 28.71 -4.26
N TYR B 75 -8.61 28.51 -3.16
CA TYR B 75 -9.01 27.44 -2.20
C TYR B 75 -9.93 27.95 -1.10
N VAL B 76 -9.98 27.27 0.07
CA VAL B 76 -11.06 27.47 1.09
C VAL B 76 -10.90 28.87 1.71
N GLU B 77 -12.05 29.54 1.81
CA GLU B 77 -12.20 30.83 2.59
C GLU B 77 -13.05 30.56 3.81
N ASP B 78 -12.91 31.42 4.81
CA ASP B 78 -13.80 31.34 6.01
C ASP B 78 -15.22 31.79 5.60
N ASP B 79 -16.15 31.57 6.52
CA ASP B 79 -17.56 31.92 6.22
C ASP B 79 -17.76 33.45 6.11
N ASP B 80 -16.89 34.29 6.57
CA ASP B 80 -17.02 35.79 6.29
C ASP B 80 -16.35 36.24 4.96
N ASN B 81 -15.67 35.32 4.21
CA ASN B 81 -14.91 35.63 3.04
C ASN B 81 -13.90 36.74 3.34
N MET B 82 -13.18 36.57 4.46
CA MET B 82 -12.14 37.50 4.89
CA MET B 82 -12.13 37.49 4.86
C MET B 82 -10.72 36.90 4.78
N PHE B 83 -10.66 35.54 4.91
CA PHE B 83 -9.33 34.85 5.04
C PHE B 83 -9.42 33.61 4.08
N ARG B 84 -8.28 33.38 3.43
CA ARG B 84 -8.23 32.20 2.49
C ARG B 84 -6.99 31.45 2.87
N PHE B 85 -7.09 30.12 2.97
CA PHE B 85 -5.88 29.32 3.32
C PHE B 85 -4.74 29.60 2.36
N ASP B 86 -3.51 29.63 2.90
CA ASP B 86 -2.33 29.89 2.11
C ASP B 86 -1.30 28.77 2.45
N TYR B 87 -1.61 27.55 1.97
CA TYR B 87 -0.66 26.42 2.18
C TYR B 87 0.66 26.72 1.48
N SER B 88 1.78 26.47 2.15
CA SER B 88 3.07 26.74 1.48
C SER B 88 3.41 25.56 0.55
N PRO B 89 4.29 25.71 -0.42
CA PRO B 89 4.73 24.59 -1.24
C PRO B 89 5.28 23.39 -0.42
N GLU B 90 6.14 23.70 0.59
CA GLU B 90 6.70 22.60 1.41
C GLU B 90 5.61 21.93 2.27
N PHE B 91 4.62 22.69 2.74
CA PHE B 91 3.50 22.06 3.41
C PHE B 91 2.76 21.10 2.45
N LEU B 92 2.51 21.56 1.22
CA LEU B 92 1.80 20.71 0.25
C LEU B 92 2.57 19.40 0.03
N LEU B 93 3.92 19.45 -0.01
CA LEU B 93 4.66 18.19 -0.16
C LEU B 93 4.50 17.29 1.07
N TRP B 94 4.44 17.88 2.26
CA TRP B 94 4.17 17.08 3.45
C TRP B 94 2.79 16.44 3.34
N ALA B 95 1.73 17.20 3.01
CA ALA B 95 0.37 16.65 3.02
C ALA B 95 0.11 15.69 1.85
N LEU B 96 0.81 15.88 0.73
CA LEU B 96 0.47 15.16 -0.49
C LEU B 96 1.41 14.03 -0.85
N ARG B 97 2.59 13.97 -0.20
CA ARG B 97 3.58 12.89 -0.45
C ARG B 97 3.91 12.16 0.86
N PRO B 98 2.95 11.67 1.62
CA PRO B 98 3.21 10.79 2.77
C PRO B 98 3.53 9.40 2.24
N PRO B 99 3.90 8.47 3.09
CA PRO B 99 4.22 7.08 2.67
C PRO B 99 3.04 6.49 1.89
N GLY B 100 3.41 5.95 0.72
CA GLY B 100 2.39 5.29 -0.18
C GLY B 100 1.75 6.23 -1.15
N TRP B 101 2.12 7.52 -1.22
CA TRP B 101 1.54 8.38 -2.25
C TRP B 101 1.78 7.82 -3.67
N LEU B 102 0.84 8.08 -4.52
CA LEU B 102 0.87 7.64 -5.93
C LEU B 102 0.72 8.83 -6.86
N PRO B 103 1.47 8.88 -7.96
CA PRO B 103 1.41 10.00 -8.85
C PRO B 103 0.07 10.25 -9.55
N GLN B 104 -0.63 9.15 -9.86
CA GLN B 104 -1.95 9.27 -10.57
CA GLN B 104 -1.93 9.35 -10.60
C GLN B 104 -2.99 9.90 -9.62
N TRP B 105 -2.71 9.88 -8.30
CA TRP B 105 -3.66 10.44 -7.32
C TRP B 105 -3.40 11.91 -7.08
N HIS B 106 -2.55 12.60 -7.80
CA HIS B 106 -2.39 14.07 -7.75
C HIS B 106 -3.00 14.56 -9.06
N CYS B 107 -4.33 14.75 -9.03
CA CYS B 107 -5.08 14.78 -10.29
C CYS B 107 -5.43 16.21 -10.66
N GLY B 108 -4.73 16.80 -11.62
CA GLY B 108 -4.97 18.17 -12.03
C GLY B 108 -5.88 18.26 -13.28
N VAL B 109 -6.42 19.47 -13.46
CA VAL B 109 -7.22 19.81 -14.65
C VAL B 109 -6.59 21.12 -15.22
N ARG B 110 -6.28 21.03 -16.52
CA ARG B 110 -5.71 22.19 -17.26
C ARG B 110 -6.58 22.62 -18.38
N VAL B 111 -6.46 23.90 -18.76
CA VAL B 111 -7.11 24.40 -19.97
C VAL B 111 -6.31 23.80 -21.16
N VAL B 112 -7.05 23.33 -22.16
CA VAL B 112 -6.40 22.66 -23.33
C VAL B 112 -5.45 23.60 -24.08
N SER B 113 -5.95 24.79 -24.38
CA SER B 113 -5.14 25.73 -25.24
C SER B 113 -3.96 26.32 -24.51
N SER B 114 -4.15 26.87 -23.29
CA SER B 114 -3.14 27.58 -22.58
C SER B 114 -2.36 26.72 -21.60
N ARG B 115 -2.87 25.52 -21.25
CA ARG B 115 -2.29 24.66 -20.21
C ARG B 115 -2.38 25.26 -18.83
N LYS B 116 -3.14 26.31 -18.62
CA LYS B 116 -3.30 26.90 -17.27
C LYS B 116 -3.91 25.84 -16.32
N LEU B 117 -3.36 25.76 -15.10
CA LEU B 117 -3.95 24.84 -14.07
C LEU B 117 -5.24 25.47 -13.45
N VAL B 118 -6.35 24.76 -13.59
CA VAL B 118 -7.64 25.35 -13.13
C VAL B 118 -8.40 24.40 -12.19
N GLY B 119 -7.88 23.17 -11.92
CA GLY B 119 -8.56 22.31 -10.96
C GLY B 119 -7.64 21.32 -10.37
N PHE B 120 -8.03 20.70 -9.25
CA PHE B 120 -7.19 19.65 -8.63
C PHE B 120 -8.05 18.85 -7.68
N ILE B 121 -7.67 17.62 -7.46
CA ILE B 121 -8.18 16.79 -6.32
C ILE B 121 -7.04 15.82 -6.01
N SER B 122 -7.01 15.32 -4.78
CA SER B 122 -5.98 14.33 -4.41
C SER B 122 -6.55 13.23 -3.61
N ALA B 123 -5.83 12.11 -3.66
CA ALA B 123 -6.03 10.97 -2.72
C ALA B 123 -4.68 10.60 -2.13
N ILE B 124 -4.66 10.26 -0.83
CA ILE B 124 -3.50 9.62 -0.21
C ILE B 124 -3.95 8.37 0.52
N PRO B 125 -3.18 7.30 0.60
CA PRO B 125 -3.67 6.07 1.24
C PRO B 125 -3.65 6.23 2.76
N ALA B 126 -4.59 5.60 3.45
CA ALA B 126 -4.56 5.58 4.94
C ALA B 126 -5.22 4.35 5.44
N ASN B 127 -4.76 3.70 6.48
CA ASN B 127 -5.53 2.67 7.14
CA ASN B 127 -5.44 2.64 7.19
C ASN B 127 -6.42 3.34 8.15
N ILE B 128 -7.69 3.02 8.10
CA ILE B 128 -8.70 3.71 8.87
C ILE B 128 -9.43 2.69 9.80
N HIS B 129 -9.55 3.05 11.07
CA HIS B 129 -10.35 2.25 12.03
C HIS B 129 -11.70 2.97 12.13
N ILE B 130 -12.77 2.23 11.78
CA ILE B 130 -14.12 2.81 11.90
C ILE B 130 -14.96 1.75 12.64
N TYR B 131 -15.30 2.12 13.87
CA TYR B 131 -15.95 1.13 14.85
C TYR B 131 -15.14 -0.16 14.87
N ASP B 132 -15.68 -1.33 14.53
CA ASP B 132 -14.90 -2.59 14.71
CA ASP B 132 -15.01 -2.64 14.63
C ASP B 132 -14.21 -3.03 13.43
N THR B 133 -14.09 -2.15 12.42
CA THR B 133 -13.40 -2.55 11.18
C THR B 133 -12.13 -1.71 10.99
N GLU B 134 -11.05 -2.30 10.57
CA GLU B 134 -9.88 -1.53 10.12
CA GLU B 134 -9.87 -1.53 10.10
C GLU B 134 -9.59 -1.93 8.71
N LYS B 135 -9.48 -0.92 7.86
CA LYS B 135 -9.26 -1.26 6.47
C LYS B 135 -8.50 -0.15 5.77
N LYS B 136 -7.78 -0.53 4.71
CA LYS B 136 -7.11 0.40 3.82
CA LYS B 136 -7.08 0.45 3.88
C LYS B 136 -8.10 1.24 3.05
N MET B 137 -8.02 2.60 3.13
CA MET B 137 -8.91 3.54 2.46
C MET B 137 -7.99 4.57 1.79
N VAL B 138 -8.61 5.58 1.22
CA VAL B 138 -7.90 6.81 0.88
C VAL B 138 -8.52 8.00 1.63
N GLU B 139 -7.73 9.04 1.82
CA GLU B 139 -8.21 10.36 2.30
C GLU B 139 -8.25 11.27 1.12
N ILE B 140 -9.38 11.93 0.86
CA ILE B 140 -9.52 12.89 -0.26
C ILE B 140 -9.38 14.28 0.26
N ASN B 141 -8.59 15.15 -0.40
CA ASN B 141 -8.32 16.47 0.12
C ASN B 141 -7.90 17.34 -1.09
N PHE B 142 -7.88 18.65 -0.85
CA PHE B 142 -7.40 19.62 -1.86
C PHE B 142 -8.24 19.65 -3.12
N LEU B 143 -9.53 19.34 -3.01
CA LEU B 143 -10.48 19.56 -4.15
C LEU B 143 -10.58 21.06 -4.39
N CYS B 144 -10.32 21.52 -5.61
CA CYS B 144 -10.31 22.99 -5.90
C CYS B 144 -10.67 23.19 -7.33
N VAL B 145 -11.62 24.10 -7.62
CA VAL B 145 -11.91 24.54 -8.97
C VAL B 145 -11.65 26.04 -9.00
N HIS B 146 -10.95 26.56 -10.02
CA HIS B 146 -10.68 28.00 -10.15
C HIS B 146 -12.01 28.78 -10.02
N LYS B 147 -11.90 29.95 -9.38
CA LYS B 147 -13.07 30.84 -9.24
C LYS B 147 -13.78 31.15 -10.56
N LYS B 148 -13.04 31.29 -11.67
CA LYS B 148 -13.70 31.62 -12.96
C LYS B 148 -14.39 30.38 -13.56
N LEU B 149 -14.28 29.21 -12.97
CA LEU B 149 -14.84 27.96 -13.50
CA LEU B 149 -14.81 27.95 -13.52
C LEU B 149 -15.90 27.39 -12.58
N ARG B 150 -16.32 28.20 -11.57
CA ARG B 150 -17.27 27.70 -10.57
C ARG B 150 -18.65 27.43 -11.13
N SER B 151 -19.41 26.54 -10.49
CA SER B 151 -20.83 26.19 -10.78
C SER B 151 -21.00 25.71 -12.22
N LYS B 152 -20.01 25.02 -12.75
CA LYS B 152 -20.09 24.44 -14.12
C LYS B 152 -19.99 22.93 -13.99
N ARG B 153 -20.21 22.35 -12.78
CA ARG B 153 -20.29 20.86 -12.56
C ARG B 153 -18.95 20.23 -12.90
N VAL B 154 -17.85 20.91 -12.71
CA VAL B 154 -16.50 20.29 -12.82
C VAL B 154 -16.21 19.48 -11.59
N ALA B 155 -16.65 19.86 -10.40
CA ALA B 155 -16.31 19.08 -9.21
C ALA B 155 -16.79 17.62 -9.24
N PRO B 156 -18.02 17.33 -9.73
CA PRO B 156 -18.45 15.91 -9.79
C PRO B 156 -17.55 15.14 -10.75
N VAL B 157 -17.01 15.78 -11.79
CA VAL B 157 -16.10 15.02 -12.71
C VAL B 157 -14.78 14.73 -11.96
N LEU B 158 -14.21 15.73 -11.24
CA LEU B 158 -13.02 15.46 -10.43
C LEU B 158 -13.27 14.31 -9.46
N ILE B 159 -14.46 14.31 -8.82
CA ILE B 159 -14.72 13.28 -7.80
C ILE B 159 -14.85 11.90 -8.47
N ARG B 160 -15.59 11.80 -9.56
CA ARG B 160 -15.67 10.51 -10.26
C ARG B 160 -14.31 10.00 -10.79
N GLU B 161 -13.50 10.93 -11.24
CA GLU B 161 -12.20 10.51 -11.80
C GLU B 161 -11.24 10.03 -10.73
N ILE B 162 -11.17 10.73 -9.57
CA ILE B 162 -10.33 10.26 -8.51
C ILE B 162 -10.89 8.92 -7.97
N THR B 163 -12.21 8.76 -7.95
CA THR B 163 -12.80 7.50 -7.50
C THR B 163 -12.37 6.37 -8.43
N ARG B 164 -12.44 6.59 -9.74
CA ARG B 164 -12.00 5.55 -10.67
C ARG B 164 -10.49 5.20 -10.50
N ARG B 165 -9.65 6.24 -10.32
CA ARG B 165 -8.22 5.94 -10.16
C ARG B 165 -7.92 5.22 -8.85
N VAL B 166 -8.68 5.46 -7.81
CA VAL B 166 -8.54 4.71 -6.56
C VAL B 166 -9.03 3.27 -6.72
N HIS B 167 -10.19 3.11 -7.40
CA HIS B 167 -10.73 1.73 -7.65
C HIS B 167 -9.69 0.88 -8.44
N LEU B 168 -8.96 1.50 -9.36
CA LEU B 168 -7.96 0.70 -10.13
C LEU B 168 -6.96 0.10 -9.21
N GLU B 169 -6.66 0.73 -8.04
CA GLU B 169 -5.68 0.22 -7.04
C GLU B 169 -6.34 -0.70 -6.04
N GLY B 170 -7.63 -1.02 -6.20
CA GLY B 170 -8.24 -2.06 -5.36
C GLY B 170 -8.85 -1.50 -4.08
N ILE B 171 -8.99 -0.18 -3.96
CA ILE B 171 -9.52 0.49 -2.74
C ILE B 171 -10.93 0.96 -3.07
N PHE B 172 -11.86 0.63 -2.11
CA PHE B 172 -13.26 0.90 -2.38
C PHE B 172 -13.94 1.81 -1.32
N GLN B 173 -13.20 2.33 -0.39
CA GLN B 173 -13.73 3.29 0.65
C GLN B 173 -12.77 4.45 0.74
N ALA B 174 -13.36 5.59 1.10
CA ALA B 174 -12.61 6.85 1.37
C ALA B 174 -13.13 7.59 2.58
N VAL B 175 -12.30 8.41 3.20
CA VAL B 175 -12.77 9.33 4.26
CA VAL B 175 -12.76 9.37 4.24
C VAL B 175 -12.41 10.74 3.76
N TYR B 176 -13.31 11.69 4.10
CA TYR B 176 -13.05 13.07 3.67
C TYR B 176 -13.72 14.02 4.64
N THR B 177 -13.30 15.27 4.62
CA THR B 177 -13.97 16.30 5.47
C THR B 177 -14.36 17.42 4.54
N ALA B 178 -15.41 18.19 4.88
CA ALA B 178 -15.81 19.35 4.09
C ALA B 178 -16.61 20.32 5.01
N GLY B 179 -16.60 21.61 4.67
CA GLY B 179 -17.42 22.57 5.47
C GLY B 179 -18.82 22.57 4.99
N VAL B 180 -19.23 21.89 3.91
CA VAL B 180 -20.66 21.90 3.47
C VAL B 180 -21.30 20.60 3.88
N VAL B 181 -22.64 20.60 3.96
CA VAL B 181 -23.41 19.42 4.26
C VAL B 181 -23.73 18.68 2.97
N LEU B 182 -23.34 17.41 2.96
CA LEU B 182 -23.59 16.50 1.83
C LEU B 182 -24.17 15.21 2.45
N PRO B 183 -24.78 14.30 1.63
CA PRO B 183 -25.19 13.02 2.12
C PRO B 183 -23.92 12.15 2.45
N LYS B 184 -23.75 11.65 3.67
CA LYS B 184 -24.39 12.05 4.96
CA LYS B 184 -24.38 12.06 4.95
C LYS B 184 -23.24 12.05 6.02
N PRO B 185 -23.18 13.13 6.84
CA PRO B 185 -22.03 13.16 7.79
C PRO B 185 -22.03 12.02 8.74
N VAL B 186 -20.87 11.42 8.98
CA VAL B 186 -20.73 10.47 10.08
C VAL B 186 -20.41 11.22 11.40
N GLY B 187 -19.94 12.45 11.29
CA GLY B 187 -19.72 13.26 12.50
C GLY B 187 -19.63 14.70 12.09
N THR B 188 -19.99 15.60 13.05
CA THR B 188 -19.99 17.04 12.77
C THR B 188 -19.21 17.76 13.88
N CYS B 189 -18.18 18.48 13.51
CA CYS B 189 -17.32 19.16 14.46
C CYS B 189 -17.39 20.68 14.31
N ARG B 190 -17.39 21.41 15.39
CA ARG B 190 -17.22 22.82 15.33
C ARG B 190 -15.75 23.23 15.51
N TYR B 191 -15.30 24.25 14.87
CA TYR B 191 -13.98 24.80 15.12
C TYR B 191 -14.02 26.00 16.08
N TRP B 192 -12.98 26.12 16.87
CA TRP B 192 -12.79 27.16 17.88
C TRP B 192 -11.47 27.79 17.68
N HIS B 193 -11.27 29.00 18.21
CA HIS B 193 -10.03 29.77 18.07
C HIS B 193 -9.58 30.27 19.44
N ARG B 194 -8.27 30.42 19.62
CA ARG B 194 -7.70 31.01 20.86
C ARG B 194 -6.77 32.10 20.43
N SER B 195 -7.12 33.34 20.85
N SER B 195 -7.12 33.32 20.88
CA SER B 195 -6.30 34.51 20.53
CA SER B 195 -6.32 34.49 20.54
C SER B 195 -4.94 34.46 21.18
C SER B 195 -4.94 34.46 21.18
N LEU B 196 -3.89 34.66 20.38
CA LEU B 196 -2.51 34.75 20.87
C LEU B 196 -2.05 36.18 20.72
N ASN B 197 -2.38 36.87 19.62
CA ASN B 197 -1.96 38.29 19.43
C ASN B 197 -3.20 39.06 19.15
N PRO B 198 -3.99 39.43 20.18
CA PRO B 198 -5.31 40.07 20.01
C PRO B 198 -5.12 41.42 19.24
N ARG B 199 -4.04 42.15 19.47
CA ARG B 199 -3.92 43.47 18.76
C ARG B 199 -3.94 43.20 17.22
N LYS B 200 -3.14 42.20 16.75
CA LYS B 200 -3.16 41.87 15.33
C LYS B 200 -4.54 41.31 14.90
N LEU B 201 -5.14 40.42 15.68
CA LEU B 201 -6.36 39.87 15.24
C LEU B 201 -7.47 40.91 15.09
N ILE B 202 -7.48 41.89 15.99
CA ILE B 202 -8.44 42.98 15.86
C ILE B 202 -8.14 43.87 14.66
N GLU B 203 -6.89 44.12 14.44
CA GLU B 203 -6.42 44.98 13.28
C GLU B 203 -6.91 44.34 11.98
N VAL B 204 -6.80 43.01 11.83
CA VAL B 204 -7.21 42.33 10.58
C VAL B 204 -8.64 41.91 10.55
N LYS B 205 -9.39 42.27 11.60
CA LYS B 205 -10.80 41.99 11.75
C LYS B 205 -11.16 40.47 11.87
N PHE B 206 -10.18 39.68 12.29
CA PHE B 206 -10.49 38.29 12.72
C PHE B 206 -11.32 38.33 13.99
N SER B 207 -10.96 39.32 14.84
CA SER B 207 -11.61 39.54 16.16
C SER B 207 -12.14 40.96 16.19
N HIS B 208 -13.05 41.16 17.12
CA HIS B 208 -13.50 42.56 17.40
C HIS B 208 -13.29 42.87 18.88
N LEU B 209 -13.00 44.15 19.16
CA LEU B 209 -12.88 44.68 20.52
C LEU B 209 -14.22 44.60 21.20
N SER B 210 -14.30 43.80 22.28
CA SER B 210 -15.57 43.55 22.98
C SER B 210 -16.16 44.82 23.58
N ARG B 211 -17.48 44.75 23.79
CA ARG B 211 -18.26 45.82 24.43
C ARG B 211 -17.66 45.85 25.82
N ASN B 212 -17.31 47.05 26.27
CA ASN B 212 -16.85 47.23 27.68
C ASN B 212 -15.43 46.79 27.98
N MET B 213 -14.63 46.54 26.93
CA MET B 213 -13.20 46.16 27.19
C MET B 213 -12.30 47.01 26.35
N THR B 214 -11.25 47.58 26.93
CA THR B 214 -10.23 48.29 26.22
C THR B 214 -9.28 47.26 25.53
N MET B 215 -8.45 47.75 24.61
CA MET B 215 -7.39 46.97 24.04
C MET B 215 -6.44 46.52 25.09
N GLN B 216 -6.13 47.35 26.08
CA GLN B 216 -5.23 47.00 27.17
CA GLN B 216 -5.16 46.97 27.09
C GLN B 216 -5.78 45.85 27.97
N ARG B 217 -7.05 45.88 28.29
CA ARG B 217 -7.70 44.85 29.08
C ARG B 217 -7.71 43.53 28.27
N THR B 218 -8.00 43.63 26.99
CA THR B 218 -8.09 42.42 26.10
C THR B 218 -6.67 41.80 25.99
N MET B 219 -5.61 42.58 25.86
CA MET B 219 -4.25 42.03 25.84
C MET B 219 -3.96 41.32 27.15
N LYS B 220 -4.47 41.87 28.27
CA LYS B 220 -4.22 41.30 29.53
C LYS B 220 -4.99 39.93 29.65
N LEU B 221 -6.27 39.89 29.22
CA LEU B 221 -7.08 38.69 29.29
C LEU B 221 -6.39 37.50 28.61
N TYR B 222 -5.82 37.80 27.42
CA TYR B 222 -5.24 36.67 26.62
C TYR B 222 -3.80 36.45 26.86
N ARG B 223 -3.12 37.21 27.78
CA ARG B 223 -1.61 37.09 27.89
C ARG B 223 -1.28 35.69 28.41
N LEU B 224 -0.14 35.20 28.00
CA LEU B 224 0.29 33.83 28.39
C LEU B 224 1.67 33.93 29.02
N PRO B 225 2.08 32.90 29.75
CA PRO B 225 3.49 32.78 30.18
C PRO B 225 4.46 32.77 29.05
N GLU B 226 5.73 33.17 29.25
CA GLU B 226 6.72 33.15 28.21
C GLU B 226 7.36 31.77 27.93
N THR B 227 7.21 30.89 28.86
CA THR B 227 7.72 29.52 28.70
C THR B 227 6.67 28.55 29.23
N PRO B 228 6.68 27.32 28.66
CA PRO B 228 5.65 26.38 29.10
C PRO B 228 5.90 25.90 30.53
N LYS B 229 4.84 25.44 31.12
CA LYS B 229 4.94 25.01 32.52
C LYS B 229 5.23 23.56 32.74
N THR B 230 5.00 22.66 31.76
CA THR B 230 5.19 21.22 32.10
C THR B 230 6.62 20.94 32.05
N ALA B 231 7.11 20.29 33.13
CA ALA B 231 8.52 19.94 33.17
C ALA B 231 8.87 18.88 32.11
N GLY B 232 10.02 19.04 31.53
CA GLY B 232 10.56 18.03 30.61
C GLY B 232 10.05 18.11 29.20
N LEU B 233 9.39 19.18 28.81
CA LEU B 233 8.88 19.34 27.43
C LEU B 233 10.02 19.68 26.51
N ARG B 234 10.07 19.03 25.35
CA ARG B 234 11.14 19.29 24.40
C ARG B 234 10.62 18.89 22.98
N PRO B 235 11.26 19.40 21.90
CA PRO B 235 10.80 18.86 20.60
C PRO B 235 11.06 17.37 20.44
N MET B 236 10.19 16.69 19.70
CA MET B 236 10.39 15.33 19.28
C MET B 236 11.69 15.17 18.43
N GLU B 237 12.38 14.09 18.71
CA GLU B 237 13.59 13.73 18.01
C GLU B 237 13.41 12.32 17.40
N THR B 238 14.41 11.93 16.55
CA THR B 238 14.33 10.61 15.89
C THR B 238 14.22 9.48 16.88
N LYS B 239 14.91 9.59 18.03
CA LYS B 239 14.82 8.53 19.00
C LYS B 239 13.43 8.29 19.63
N ASP B 240 12.58 9.34 19.48
CA ASP B 240 11.21 9.27 20.00
C ASP B 240 10.17 8.67 19.07
N ILE B 241 10.55 8.32 17.83
CA ILE B 241 9.54 7.87 16.87
C ILE B 241 8.82 6.61 17.45
N PRO B 242 9.50 5.56 18.00
CA PRO B 242 8.78 4.42 18.51
C PRO B 242 7.79 4.74 19.61
N VAL B 243 8.24 5.54 20.61
CA VAL B 243 7.28 5.84 21.74
C VAL B 243 6.13 6.73 21.33
N VAL B 244 6.39 7.68 20.42
CA VAL B 244 5.26 8.48 19.90
C VAL B 244 4.26 7.58 19.16
N HIS B 245 4.78 6.61 18.36
CA HIS B 245 3.87 5.60 17.73
CA HIS B 245 3.93 5.62 17.68
C HIS B 245 3.09 4.82 18.73
N GLN B 246 3.76 4.32 19.78
CA GLN B 246 3.05 3.55 20.81
C GLN B 246 1.97 4.40 21.51
N LEU B 247 2.38 5.62 21.95
CA LEU B 247 1.46 6.46 22.69
C LEU B 247 0.21 6.80 21.82
N LEU B 248 0.47 7.15 20.54
CA LEU B 248 -0.70 7.51 19.68
C LEU B 248 -1.61 6.31 19.47
N THR B 249 -1.03 5.14 19.16
CA THR B 249 -1.86 3.96 18.80
C THR B 249 -2.71 3.59 19.98
N ARG B 250 -2.13 3.60 21.23
CA ARG B 250 -2.92 3.25 22.38
C ARG B 250 -4.06 4.31 22.69
N TYR B 251 -3.67 5.60 22.58
CA TYR B 251 -4.61 6.64 22.81
C TYR B 251 -5.84 6.67 21.91
N LEU B 252 -5.61 6.33 20.65
CA LEU B 252 -6.70 6.44 19.67
C LEU B 252 -7.72 5.37 19.81
N LYS B 253 -7.43 4.29 20.56
CA LYS B 253 -8.42 3.16 20.68
C LYS B 253 -9.71 3.65 21.29
N GLN B 254 -9.76 4.72 22.05
CA GLN B 254 -10.98 5.14 22.72
C GLN B 254 -12.00 5.80 21.74
N PHE B 255 -11.54 6.18 20.52
CA PHE B 255 -12.45 6.85 19.62
C PHE B 255 -13.02 5.89 18.60
N HIS B 256 -14.01 6.37 17.78
CA HIS B 256 -14.64 5.47 16.79
C HIS B 256 -14.21 5.68 15.33
N LEU B 257 -13.56 6.80 14.99
CA LEU B 257 -13.03 6.97 13.63
C LEU B 257 -11.62 7.49 13.82
N THR B 258 -10.60 6.72 13.43
CA THR B 258 -9.19 7.12 13.71
C THR B 258 -8.34 6.56 12.57
N PRO B 259 -7.15 7.16 12.37
CA PRO B 259 -6.13 6.46 11.56
C PRO B 259 -5.45 5.37 12.31
N VAL B 260 -4.82 4.44 11.58
CA VAL B 260 -3.92 3.49 12.16
C VAL B 260 -2.63 3.69 11.43
N MET B 261 -1.62 4.21 12.09
CA MET B 261 -0.35 4.64 11.42
C MET B 261 0.72 3.60 11.67
N SER B 262 1.52 3.31 10.62
CA SER B 262 2.77 2.58 10.81
C SER B 262 3.83 3.52 11.46
N GLN B 263 4.94 2.91 11.87
CA GLN B 263 6.04 3.78 12.43
C GLN B 263 6.54 4.71 11.41
N GLU B 264 6.63 4.31 10.10
CA GLU B 264 7.05 5.24 9.06
C GLU B 264 6.05 6.40 8.92
N GLU B 265 4.75 6.08 9.00
CA GLU B 265 3.75 7.19 8.90
C GLU B 265 3.88 8.13 10.13
N VAL B 266 4.11 7.57 11.32
CA VAL B 266 4.30 8.46 12.52
C VAL B 266 5.48 9.38 12.25
N GLU B 267 6.64 8.85 11.73
CA GLU B 267 7.72 9.73 11.44
C GLU B 267 7.32 10.83 10.46
N HIS B 268 6.63 10.50 9.35
CA HIS B 268 6.21 11.51 8.44
C HIS B 268 5.31 12.61 9.07
N TRP B 269 4.32 12.14 9.78
CA TRP B 269 3.26 13.09 10.22
C TRP B 269 3.70 13.90 11.44
N PHE B 270 4.68 13.44 12.25
CA PHE B 270 5.02 14.12 13.52
C PHE B 270 6.44 14.64 13.58
N TYR B 271 7.42 14.09 12.85
CA TYR B 271 8.79 14.57 13.04
C TYR B 271 8.84 16.02 12.67
N PRO B 272 9.44 16.89 13.51
CA PRO B 272 9.23 18.35 13.29
C PRO B 272 9.87 18.82 11.99
N GLN B 273 9.15 19.69 11.31
CA GLN B 273 9.68 20.43 10.18
C GLN B 273 9.28 21.87 10.34
N GLU B 274 10.26 22.77 10.41
CA GLU B 274 9.96 24.18 10.74
C GLU B 274 8.96 24.75 9.75
N ASN B 275 8.00 25.47 10.28
CA ASN B 275 6.95 26.12 9.45
C ASN B 275 5.96 25.17 8.77
N ILE B 276 5.94 23.92 9.27
CA ILE B 276 5.01 22.90 8.73
C ILE B 276 4.35 22.16 9.94
N ILE B 277 5.17 21.43 10.70
CA ILE B 277 4.61 20.58 11.78
C ILE B 277 5.56 20.74 12.99
N ASP B 278 4.94 20.91 14.14
CA ASP B 278 5.66 20.92 15.45
C ASP B 278 5.12 19.86 16.32
N THR B 279 6.04 19.08 16.95
CA THR B 279 5.60 18.07 17.94
C THR B 279 6.54 18.19 19.12
N PHE B 280 5.98 18.28 20.32
CA PHE B 280 6.84 18.33 21.57
C PHE B 280 6.41 17.18 22.39
N VAL B 281 7.36 16.49 23.01
CA VAL B 281 7.16 15.38 23.91
C VAL B 281 7.50 15.80 25.36
N VAL B 282 6.87 15.08 26.29
CA VAL B 282 7.22 15.28 27.74
C VAL B 282 8.07 14.10 28.10
N GLU B 283 9.31 14.40 28.47
CA GLU B 283 10.26 13.35 28.96
C GLU B 283 10.49 13.60 30.46
N ASN B 284 10.08 12.64 31.24
CA ASN B 284 10.05 12.78 32.72
C ASN B 284 11.43 12.59 33.40
N ALA B 285 11.41 12.61 34.73
CA ALA B 285 12.67 12.57 35.50
C ALA B 285 13.37 11.22 35.35
N ASN B 286 12.64 10.21 34.83
CA ASN B 286 13.19 8.86 34.60
C ASN B 286 13.68 8.71 33.21
N GLY B 287 13.52 9.72 32.36
CA GLY B 287 13.84 9.60 30.94
C GLY B 287 12.71 9.03 30.10
N GLU B 288 11.54 8.81 30.62
CA GLU B 288 10.45 8.16 29.82
CA GLU B 288 10.43 8.14 29.87
C GLU B 288 9.58 9.25 29.21
N VAL B 289 9.23 9.05 27.93
CA VAL B 289 8.27 9.95 27.24
C VAL B 289 6.90 9.49 27.52
N THR B 290 6.10 10.38 28.12
CA THR B 290 4.75 9.98 28.59
C THR B 290 3.59 10.74 27.86
N ASP B 291 3.92 11.84 27.14
CA ASP B 291 2.84 12.64 26.55
C ASP B 291 3.43 13.33 25.35
N PHE B 292 2.53 13.75 24.41
CA PHE B 292 3.07 14.68 23.38
C PHE B 292 1.93 15.57 22.86
N LEU B 293 2.33 16.72 22.31
CA LEU B 293 1.39 17.65 21.68
C LEU B 293 1.87 17.97 20.28
N SER B 294 0.98 18.31 19.34
CA SER B 294 1.43 18.67 18.01
C SER B 294 0.44 19.68 17.35
N PHE B 295 0.99 20.47 16.48
CA PHE B 295 0.13 21.43 15.73
C PHE B 295 0.84 21.77 14.42
N TYR B 296 0.01 21.99 13.39
CA TYR B 296 0.58 22.31 12.05
C TYR B 296 0.41 23.83 11.71
N THR B 297 1.27 24.27 10.79
CA THR B 297 1.34 25.69 10.42
C THR B 297 0.56 25.96 9.12
N LEU B 298 -0.43 26.83 9.17
CA LEU B 298 -1.28 27.09 7.99
C LEU B 298 -1.74 28.56 8.03
N PRO B 299 -1.03 29.44 7.35
CA PRO B 299 -1.43 30.85 7.37
C PRO B 299 -2.66 31.02 6.51
N SER B 300 -3.39 32.16 6.73
CA SER B 300 -4.45 32.58 5.78
C SER B 300 -4.12 33.96 5.21
N THR B 301 -4.30 34.07 3.91
CA THR B 301 -4.21 35.41 3.24
C THR B 301 -5.33 36.26 3.76
N ILE B 302 -4.97 37.56 3.98
CA ILE B 302 -5.95 38.58 4.35
CA ILE B 302 -5.98 38.56 4.36
C ILE B 302 -6.56 39.07 3.01
N MET B 303 -7.75 38.63 2.76
CA MET B 303 -8.36 38.79 1.43
C MET B 303 -8.46 40.26 1.07
N ASN B 304 -8.84 41.09 2.03
CA ASN B 304 -8.97 42.55 1.63
C ASN B 304 -7.62 43.25 1.40
N HIS B 305 -6.52 42.69 1.92
CA HIS B 305 -5.18 43.27 1.81
C HIS B 305 -4.18 42.16 1.53
N PRO B 306 -4.20 41.54 0.30
CA PRO B 306 -3.38 40.32 -0.03
C PRO B 306 -1.85 40.54 -0.04
N THR B 307 -1.45 41.81 -0.19
CA THR B 307 -0.10 42.33 -0.02
C THR B 307 0.35 42.26 1.44
N HIS B 308 -0.54 42.51 2.41
CA HIS B 308 -0.13 42.48 3.83
C HIS B 308 0.32 41.07 4.28
N LYS B 309 1.10 41.02 5.35
CA LYS B 309 1.54 39.73 5.86
C LYS B 309 0.25 38.89 6.30
N SER B 310 0.28 37.61 5.97
CA SER B 310 -0.82 36.69 6.25
C SER B 310 -1.11 36.54 7.78
N LEU B 311 -2.32 36.15 8.15
CA LEU B 311 -2.66 35.75 9.50
C LEU B 311 -1.86 34.47 9.81
N LYS B 312 -1.11 34.45 10.89
CA LYS B 312 -0.28 33.26 11.20
CA LYS B 312 -0.28 33.26 11.20
C LYS B 312 -1.07 32.40 12.16
N ALA B 313 -1.49 31.23 11.68
CA ALA B 313 -2.42 30.36 12.43
C ALA B 313 -1.80 28.98 12.63
N ALA B 314 -1.93 28.48 13.84
CA ALA B 314 -1.53 27.11 14.23
C ALA B 314 -2.75 26.30 14.37
N TYR B 315 -2.74 25.02 13.96
CA TYR B 315 -3.88 24.12 14.07
C TYR B 315 -3.53 22.93 14.91
N SER B 316 -4.31 22.65 15.96
CA SER B 316 -4.12 21.47 16.78
C SER B 316 -4.22 20.20 15.91
N PHE B 317 -3.33 19.24 16.19
CA PHE B 317 -3.24 18.05 15.35
C PHE B 317 -3.61 16.86 16.18
N TYR B 318 -2.63 16.09 16.72
CA TYR B 318 -2.90 15.04 17.74
C TYR B 318 -2.18 15.34 19.03
N ASN B 319 -2.93 15.26 20.14
CA ASN B 319 -2.41 15.50 21.49
C ASN B 319 -2.71 14.28 22.33
N VAL B 320 -1.63 13.69 22.88
CA VAL B 320 -1.80 12.43 23.62
C VAL B 320 -1.25 12.66 25.04
N HIS B 321 -2.12 12.34 26.03
CA HIS B 321 -1.72 12.50 27.44
C HIS B 321 -1.90 11.13 28.11
N THR B 322 -0.90 10.80 28.99
CA THR B 322 -1.01 9.65 29.88
C THR B 322 -0.59 10.08 31.33
N GLN B 323 0.21 11.10 31.50
CA GLN B 323 0.67 11.48 32.88
C GLN B 323 0.59 12.90 33.08
N THR B 324 0.64 13.77 32.07
CA THR B 324 0.37 15.21 32.19
C THR B 324 -1.08 15.45 31.91
N PRO B 325 -1.81 16.28 32.73
CA PRO B 325 -3.16 16.59 32.38
C PRO B 325 -3.28 17.24 30.98
N LEU B 326 -4.34 16.83 30.25
CA LEU B 326 -4.58 17.40 28.90
C LEU B 326 -4.65 18.92 28.95
N LEU B 327 -5.30 19.45 29.97
CA LEU B 327 -5.40 20.87 30.17
C LEU B 327 -4.07 21.57 30.19
N ASP B 328 -3.12 21.01 30.91
CA ASP B 328 -1.76 21.58 30.97
C ASP B 328 -1.00 21.42 29.66
N LEU B 329 -1.18 20.26 29.00
CA LEU B 329 -0.47 20.08 27.77
C LEU B 329 -0.95 21.06 26.70
N MET B 330 -2.26 21.41 26.68
CA MET B 330 -2.78 22.38 25.73
C MET B 330 -2.41 23.84 26.09
N SER B 331 -2.26 24.15 27.41
CA SER B 331 -1.76 25.42 27.77
CA SER B 331 -1.69 25.40 27.87
C SER B 331 -0.33 25.57 27.28
N ASP B 332 0.43 24.49 27.36
CA ASP B 332 1.82 24.38 26.81
CA ASP B 332 1.79 24.59 26.82
C ASP B 332 1.84 24.67 25.31
N ALA B 333 0.89 24.02 24.59
CA ALA B 333 0.79 24.26 23.14
C ALA B 333 0.55 25.71 22.80
N LEU B 334 -0.37 26.37 23.56
CA LEU B 334 -0.62 27.79 23.29
C LEU B 334 0.61 28.67 23.51
N VAL B 335 1.33 28.34 24.61
CA VAL B 335 2.57 29.15 24.93
C VAL B 335 3.61 28.95 23.83
N LEU B 336 3.79 27.68 23.40
CA LEU B 336 4.80 27.42 22.34
C LEU B 336 4.44 28.10 21.01
N ALA B 337 3.12 28.05 20.67
CA ALA B 337 2.67 28.70 19.43
C ALA B 337 2.91 30.22 19.50
N LYS B 338 2.59 30.80 20.69
CA LYS B 338 2.79 32.28 20.86
C LYS B 338 4.30 32.53 20.74
N MET B 339 5.15 31.72 21.39
CA MET B 339 6.62 31.91 21.25
C MET B 339 7.07 31.87 19.77
N LYS B 340 6.44 31.00 18.95
CA LYS B 340 6.83 30.84 17.59
C LYS B 340 6.24 31.93 16.69
N GLY B 341 5.51 32.92 17.24
CA GLY B 341 5.02 34.03 16.41
C GLY B 341 3.65 33.81 15.81
N PHE B 342 2.92 32.76 16.22
CA PHE B 342 1.53 32.63 15.73
C PHE B 342 0.56 33.65 16.31
N ASP B 343 -0.44 34.10 15.57
CA ASP B 343 -1.43 35.08 16.00
C ASP B 343 -2.61 34.40 16.68
N VAL B 344 -2.97 33.18 16.27
CA VAL B 344 -4.17 32.46 16.73
C VAL B 344 -3.89 30.95 16.73
N PHE B 345 -4.54 30.23 17.63
CA PHE B 345 -4.41 28.78 17.68
C PHE B 345 -5.77 28.24 17.43
N ASN B 346 -5.99 27.28 16.52
CA ASN B 346 -7.31 26.75 16.13
C ASN B 346 -7.44 25.33 16.51
N ALA B 347 -8.60 24.87 16.94
CA ALA B 347 -8.83 23.46 17.29
C ALA B 347 -10.24 23.11 17.03
N LEU B 348 -10.55 21.88 16.67
CA LEU B 348 -11.89 21.39 16.59
C LEU B 348 -12.39 20.85 17.92
N ASP B 349 -13.68 20.55 18.04
CA ASP B 349 -14.21 19.98 19.29
C ASP B 349 -14.27 18.48 19.38
N LEU B 350 -13.40 17.81 18.58
CA LEU B 350 -13.30 16.34 18.52
C LEU B 350 -12.38 15.83 19.61
N MET B 351 -12.24 14.52 19.66
CA MET B 351 -11.46 13.80 20.72
C MET B 351 -11.89 14.30 22.13
N GLU B 352 -10.93 14.63 22.97
CA GLU B 352 -11.33 15.19 24.34
C GLU B 352 -11.25 16.68 24.32
N ASN B 353 -11.29 17.39 23.18
CA ASN B 353 -10.99 18.79 23.14
C ASN B 353 -12.03 19.63 23.95
N LYS B 354 -13.30 19.19 24.01
CA LYS B 354 -14.25 19.99 24.83
C LYS B 354 -13.83 20.08 26.27
N THR B 355 -13.00 19.19 26.77
CA THR B 355 -12.51 19.31 28.13
C THR B 355 -11.66 20.50 28.34
N PHE B 356 -11.01 21.11 27.37
CA PHE B 356 -10.16 22.29 27.58
C PHE B 356 -10.54 23.56 26.87
N LEU B 357 -11.45 23.49 25.85
CA LEU B 357 -11.59 24.67 24.99
C LEU B 357 -12.02 25.94 25.81
N GLU B 358 -13.19 25.80 26.51
CA GLU B 358 -13.59 27.00 27.28
C GLU B 358 -12.64 27.31 28.42
N LYS B 359 -12.05 26.34 29.10
CA LYS B 359 -11.15 26.62 30.20
C LYS B 359 -9.95 27.45 29.77
N LEU B 360 -9.47 27.23 28.51
CA LEU B 360 -8.32 27.94 27.99
C LEU B 360 -8.67 29.12 27.16
N LYS B 361 -9.94 29.64 27.30
CA LYS B 361 -10.39 30.87 26.67
C LYS B 361 -10.41 30.86 25.16
N PHE B 362 -10.68 29.64 24.63
CA PHE B 362 -11.08 29.60 23.17
C PHE B 362 -12.48 30.16 23.02
N GLY B 363 -12.73 30.68 21.87
CA GLY B 363 -14.07 31.17 21.43
C GLY B 363 -14.57 30.31 20.27
N ILE B 364 -15.86 30.04 20.23
CA ILE B 364 -16.36 29.22 19.08
C ILE B 364 -16.38 30.00 17.81
N GLY B 365 -16.19 29.30 16.69
CA GLY B 365 -16.17 29.91 15.33
C GLY B 365 -17.62 29.86 14.82
N ASP B 366 -17.76 30.07 13.54
CA ASP B 366 -19.12 30.17 13.00
CA ASP B 366 -19.05 30.27 12.85
C ASP B 366 -19.59 28.99 12.16
N GLY B 367 -18.72 28.11 11.80
CA GLY B 367 -19.18 27.02 10.91
C GLY B 367 -18.72 25.65 11.45
N ASN B 368 -19.04 24.60 10.62
CA ASN B 368 -18.66 23.23 11.03
CA ASN B 368 -18.81 23.18 10.91
C ASN B 368 -17.71 22.59 10.04
N LEU B 369 -17.04 21.57 10.51
CA LEU B 369 -16.26 20.65 9.60
C LEU B 369 -16.96 19.36 9.74
N GLN B 370 -17.58 18.88 8.61
CA GLN B 370 -18.28 17.65 8.53
CA GLN B 370 -18.25 17.59 8.64
C GLN B 370 -17.31 16.49 8.19
N TYR B 371 -17.47 15.32 8.75
CA TYR B 371 -16.67 14.09 8.36
C TYR B 371 -17.57 13.17 7.63
N TYR B 372 -16.99 12.48 6.61
CA TYR B 372 -17.77 11.61 5.69
C TYR B 372 -16.97 10.36 5.43
N LEU B 373 -17.69 9.25 5.18
CA LEU B 373 -17.09 8.07 4.52
C LEU B 373 -17.81 7.87 3.17
N TYR B 374 -17.05 7.39 2.17
CA TYR B 374 -17.60 6.95 0.89
C TYR B 374 -17.67 5.46 0.84
N ASN B 375 -18.88 4.97 0.48
CA ASN B 375 -19.14 3.52 0.37
C ASN B 375 -18.91 2.73 1.67
N TRP B 376 -19.29 3.41 2.77
CA TRP B 376 -19.30 2.74 4.11
C TRP B 376 -20.43 3.30 4.91
N LYS B 377 -21.48 2.50 5.09
CA LYS B 377 -22.63 2.95 5.89
C LYS B 377 -22.37 2.52 7.28
N CYS B 378 -22.43 3.46 8.26
CA CYS B 378 -22.30 3.14 9.66
C CYS B 378 -23.07 4.20 10.46
N PRO B 379 -23.29 3.91 11.77
CA PRO B 379 -24.01 4.95 12.55
C PRO B 379 -23.20 6.26 12.67
N SER B 380 -23.82 7.36 12.74
CA SER B 380 -23.09 8.64 13.03
C SER B 380 -22.62 8.63 14.51
N MET B 381 -21.64 9.50 14.76
CA MET B 381 -21.08 9.58 16.16
C MET B 381 -20.98 10.98 16.58
N GLY B 382 -20.88 11.17 17.92
CA GLY B 382 -20.63 12.55 18.42
C GLY B 382 -19.21 13.00 18.17
N ALA B 383 -19.02 14.34 18.21
CA ALA B 383 -17.67 14.93 17.86
C ALA B 383 -16.63 14.35 18.80
N GLU B 384 -16.98 13.99 20.06
CA GLU B 384 -16.00 13.43 21.03
CA GLU B 384 -15.94 13.48 20.98
C GLU B 384 -15.46 12.06 20.67
N LYS B 385 -16.16 11.39 19.72
CA LYS B 385 -15.73 10.09 19.27
C LYS B 385 -14.96 10.13 17.92
N VAL B 386 -14.91 11.32 17.34
CA VAL B 386 -14.10 11.50 16.07
C VAL B 386 -12.63 11.66 16.52
N GLY B 387 -11.73 10.82 15.99
CA GLY B 387 -10.28 10.83 16.34
C GLY B 387 -9.37 10.89 15.12
N LEU B 388 -9.75 11.73 14.18
CA LEU B 388 -9.03 11.87 12.90
C LEU B 388 -8.96 13.32 12.53
N VAL B 389 -7.79 13.79 12.17
CA VAL B 389 -7.56 15.20 11.78
C VAL B 389 -6.97 15.22 10.37
N LEU B 390 -7.56 15.92 9.42
CA LEU B 390 -6.95 16.10 8.04
C LEU B 390 -6.45 17.54 7.89
N GLN B 391 -5.42 17.77 7.12
CA GLN B 391 -4.92 19.11 6.91
C GLN B 391 -5.79 19.94 6.05
#